data_8X7C
#
_entry.id   8X7C
#
_cell.length_a   88.062
_cell.length_b   54.368
_cell.length_c   174.744
_cell.angle_alpha   90.00
_cell.angle_beta   104.34
_cell.angle_gamma   90.00
#
_symmetry.space_group_name_H-M   'C 1 2 1'
#
loop_
_entity.id
_entity.type
_entity.pdbx_description
1 polymer '2-oxoglutarate (2OG) and Fe(II)-dependent oxygenase superfamily protein'
2 non-polymer 'COBALT (II) ION'
3 non-polymer '2-OXOGLUTARIC ACID'
4 water water
#
_entity_poly.entity_id   1
_entity_poly.type   'polypeptide(L)'
_entity_poly.pdbx_seq_one_letter_code
;MADESWRVPTPVQELAAGVVEPPTQFVLQEQDRPGSGTLLFATDMPEPIPVVDLSRLAAADEASKLRSALETWGLFLVTK
HGIEASLMDDVMAASRDFFYQPLEAKQEYSNLIGGKRFQMEGYGNDMVKSKDQILDWQDRLQLRVEPQDERNLAYWPKHP
DSFRDLLEKYASKTKIVRNKVLRAMGKTLELGEDYFISQIGDRASAIARFNYYPPCPRPDLVFGIKPHSDGGAVTILLVD
KDVGGLQVQKDGVWYTVPSMPHTLLVNLGDSMEIMNNGIFKSPVHRVVTNAEKERLSLAMFYGVEGQRVLEPALGLLGEE
RPARYRKIMASDYIIGLRQGIAEGQRFIETLKI
;
_entity_poly.pdbx_strand_id   B,A
#
# COMPACT_ATOMS: atom_id res chain seq x y z
N GLU A 4 28.35 -3.19 -13.41
CA GLU A 4 29.59 -3.82 -13.86
C GLU A 4 30.11 -4.86 -12.87
N SER A 5 31.43 -4.87 -12.65
CA SER A 5 32.08 -5.92 -11.89
C SER A 5 31.62 -5.92 -10.43
N TRP A 6 31.27 -4.76 -9.88
CA TRP A 6 30.82 -4.68 -8.51
C TRP A 6 29.50 -5.41 -8.29
N ARG A 7 28.74 -5.67 -9.37
CA ARG A 7 27.48 -6.38 -9.24
C ARG A 7 27.66 -7.85 -8.89
N VAL A 8 28.87 -8.39 -9.08
CA VAL A 8 29.16 -9.81 -8.90
C VAL A 8 30.20 -9.97 -7.80
N PRO A 9 29.81 -10.00 -6.53
CA PRO A 9 30.80 -10.10 -5.46
C PRO A 9 31.42 -11.48 -5.37
N THR A 10 32.73 -11.50 -5.11
CA THR A 10 33.40 -12.72 -4.70
C THR A 10 33.07 -12.99 -3.24
N PRO A 11 32.80 -14.24 -2.85
CA PRO A 11 32.43 -14.50 -1.46
C PRO A 11 33.50 -14.03 -0.48
N VAL A 12 33.04 -13.53 0.66
CA VAL A 12 33.93 -12.98 1.66
C VAL A 12 34.85 -14.05 2.23
N GLN A 13 34.40 -15.30 2.29
CA GLN A 13 35.30 -16.35 2.76
C GLN A 13 36.57 -16.39 1.92
N GLU A 14 36.46 -16.08 0.62
CA GLU A 14 37.64 -16.02 -0.25
C GLU A 14 38.43 -14.73 -0.03
N LEU A 15 37.74 -13.59 -0.03
CA LEU A 15 38.40 -12.30 0.10
C LEU A 15 39.04 -12.11 1.47
N ALA A 16 38.53 -12.80 2.49
CA ALA A 16 39.05 -12.63 3.85
C ALA A 16 40.32 -13.42 4.11
N ALA A 17 40.66 -14.38 3.25
CA ALA A 17 41.76 -15.29 3.55
C ALA A 17 43.09 -14.54 3.56
N GLY A 18 43.75 -14.55 4.71
CA GLY A 18 45.08 -14.01 4.86
C GLY A 18 45.22 -12.51 4.93
N VAL A 19 44.13 -11.75 4.90
CA VAL A 19 44.24 -10.29 4.87
C VAL A 19 44.57 -9.75 6.25
N VAL A 20 45.26 -8.61 6.26
CA VAL A 20 45.46 -7.83 7.48
C VAL A 20 44.68 -6.53 7.48
N GLU A 21 44.05 -6.15 6.38
CA GLU A 21 43.11 -5.05 6.34
C GLU A 21 41.86 -5.51 5.62
N PRO A 22 40.67 -5.08 6.04
CA PRO A 22 39.46 -5.40 5.25
C PRO A 22 39.53 -4.69 3.92
N PRO A 23 39.18 -5.36 2.82
CA PRO A 23 39.08 -4.66 1.53
C PRO A 23 38.13 -3.47 1.64
N THR A 24 38.39 -2.44 0.83
CA THR A 24 37.76 -1.14 1.01
C THR A 24 36.23 -1.21 0.99
N GLN A 25 35.67 -2.14 0.20
CA GLN A 25 34.22 -2.17 0.02
C GLN A 25 33.48 -2.65 1.27
N PHE A 26 34.19 -3.12 2.29
CA PHE A 26 33.58 -3.51 3.55
C PHE A 26 33.71 -2.45 4.64
N VAL A 27 34.49 -1.40 4.42
CA VAL A 27 34.82 -0.47 5.50
C VAL A 27 33.72 0.58 5.66
N LEU A 28 33.18 0.67 6.86
CA LEU A 28 32.16 1.63 7.22
C LEU A 28 32.74 3.01 7.46
N GLN A 29 31.94 4.05 7.21
CA GLN A 29 32.30 5.38 7.67
C GLN A 29 32.41 5.38 9.19
N GLU A 30 33.32 6.22 9.71
CA GLU A 30 33.65 6.16 11.14
C GLU A 30 32.43 6.24 12.04
N GLN A 31 31.49 7.15 11.75
CA GLN A 31 30.34 7.31 12.62
C GLN A 31 29.36 6.14 12.53
N ASP A 32 29.51 5.27 11.53
CA ASP A 32 28.64 4.11 11.38
C ASP A 32 29.25 2.83 11.93
N ARG A 33 30.48 2.89 12.42
CA ARG A 33 31.18 1.66 12.81
C ARG A 33 30.63 1.13 14.12
N PRO A 34 30.73 -0.18 14.35
CA PRO A 34 30.50 -0.69 15.70
C PRO A 34 31.55 -0.08 16.63
N GLY A 35 31.08 0.60 17.67
CA GLY A 35 31.92 1.43 18.48
C GLY A 35 32.13 2.85 17.96
N SER A 36 31.64 3.15 16.75
CA SER A 36 31.70 4.49 16.16
C SER A 36 33.11 5.04 16.14
N GLY A 37 34.08 4.17 15.85
CA GLY A 37 35.48 4.53 15.86
C GLY A 37 36.26 4.05 17.07
N THR A 38 35.58 3.49 18.07
CA THR A 38 36.23 2.89 19.23
C THR A 38 36.22 1.37 19.07
N LEU A 39 36.78 0.69 20.07
CA LEU A 39 36.82 -0.76 20.11
C LEU A 39 35.75 -1.36 21.02
N LEU A 40 34.80 -0.56 21.50
CA LEU A 40 33.71 -1.01 22.36
C LEU A 40 32.42 -1.02 21.55
N PHE A 41 31.91 -2.22 21.25
CA PHE A 41 30.86 -2.33 20.24
C PHE A 41 29.45 -2.30 20.79
N ALA A 42 29.24 -2.64 22.06
CA ALA A 42 27.88 -2.78 22.59
C ALA A 42 27.95 -2.83 24.10
N THR A 43 26.81 -2.61 24.74
CA THR A 43 26.73 -2.72 26.19
C THR A 43 26.02 -4.01 26.58
N ASP A 44 26.31 -4.48 27.80
CA ASP A 44 25.66 -5.68 28.30
C ASP A 44 24.16 -5.44 28.44
N MET A 45 23.39 -6.47 28.12
CA MET A 45 21.95 -6.37 28.25
C MET A 45 21.57 -6.32 29.73
N PRO A 46 20.79 -5.33 30.16
CA PRO A 46 20.34 -5.31 31.55
C PRO A 46 19.44 -6.49 31.87
N GLU A 47 19.45 -6.88 33.13
CA GLU A 47 18.61 -7.96 33.63
C GLU A 47 17.19 -7.44 33.90
N PRO A 48 16.18 -8.32 33.83
CA PRO A 48 16.24 -9.75 33.53
C PRO A 48 16.38 -9.99 32.03
N ILE A 49 17.36 -10.79 31.63
CA ILE A 49 17.55 -11.04 30.20
C ILE A 49 16.34 -11.82 29.72
N PRO A 50 15.89 -11.59 28.47
CA PRO A 50 14.65 -12.20 28.01
C PRO A 50 14.79 -13.68 27.72
N VAL A 51 14.26 -14.53 28.60
CA VAL A 51 14.42 -15.98 28.48
C VAL A 51 13.07 -16.62 28.76
N VAL A 52 12.63 -17.50 27.86
CA VAL A 52 11.34 -18.16 27.97
C VAL A 52 11.54 -19.67 27.91
N ASP A 53 10.96 -20.38 28.89
CA ASP A 53 10.93 -21.84 28.94
C ASP A 53 9.74 -22.29 28.10
N LEU A 54 10.00 -22.76 26.87
CA LEU A 54 8.91 -23.10 25.98
C LEU A 54 8.05 -24.23 26.52
N SER A 55 8.64 -25.13 27.31
CA SER A 55 7.87 -26.27 27.81
C SER A 55 6.85 -25.85 28.87
N ARG A 56 6.98 -24.65 29.43
CA ARG A 56 6.06 -24.17 30.46
C ARG A 56 5.30 -22.92 30.01
N LEU A 57 5.24 -22.67 28.71
CA LEU A 57 4.71 -21.40 28.21
C LEU A 57 3.24 -21.21 28.56
N ALA A 58 2.50 -22.30 28.82
CA ALA A 58 1.11 -22.17 29.21
C ALA A 58 0.94 -21.60 30.62
N ALA A 59 1.96 -21.71 31.46
CA ALA A 59 1.88 -21.21 32.83
C ALA A 59 1.90 -19.68 32.85
N ALA A 60 1.17 -19.11 33.81
CA ALA A 60 0.99 -17.66 33.85
C ALA A 60 2.30 -16.91 34.05
N ASP A 61 3.21 -17.43 34.89
CA ASP A 61 4.45 -16.71 35.12
C ASP A 61 5.37 -16.76 33.90
N GLU A 62 5.27 -17.83 33.10
CA GLU A 62 6.05 -17.92 31.88
C GLU A 62 5.46 -17.04 30.77
N ALA A 63 4.13 -17.02 30.66
CA ALA A 63 3.50 -16.09 29.73
C ALA A 63 3.89 -14.66 30.02
N SER A 64 3.99 -14.29 31.30
CA SER A 64 4.39 -12.94 31.67
C SER A 64 5.81 -12.64 31.21
N LYS A 65 6.70 -13.62 31.32
CA LYS A 65 8.08 -13.43 30.87
C LYS A 65 8.13 -13.22 29.36
N LEU A 66 7.34 -13.99 28.61
CA LEU A 66 7.27 -13.79 27.17
C LEU A 66 6.75 -12.41 26.83
N ARG A 67 5.66 -11.99 27.47
CA ARG A 67 5.09 -10.68 27.19
C ARG A 67 6.10 -9.57 27.48
N SER A 68 6.76 -9.65 28.63
CA SER A 68 7.72 -8.61 28.98
C SER A 68 8.90 -8.59 28.01
N ALA A 69 9.38 -9.76 27.61
CA ALA A 69 10.47 -9.84 26.63
C ALA A 69 10.07 -9.19 25.31
N LEU A 70 8.87 -9.50 24.82
CA LEU A 70 8.48 -8.95 23.51
C LEU A 70 8.22 -7.45 23.61
N GLU A 71 7.69 -6.98 24.73
CA GLU A 71 7.50 -5.54 24.91
C GLU A 71 8.83 -4.81 24.99
N THR A 72 9.79 -5.37 25.70
CA THR A 72 11.04 -4.68 25.97
C THR A 72 12.03 -4.81 24.82
N TRP A 73 12.17 -6.01 24.27
CA TRP A 73 13.25 -6.31 23.34
C TRP A 73 12.79 -6.74 21.97
N GLY A 74 11.55 -7.24 21.83
CA GLY A 74 11.09 -7.83 20.58
C GLY A 74 11.70 -9.18 20.27
N LEU A 75 12.37 -9.79 21.24
CA LEU A 75 13.03 -11.07 21.05
C LEU A 75 13.19 -11.73 22.42
N PHE A 76 13.52 -13.02 22.41
CA PHE A 76 13.82 -13.74 23.63
C PHE A 76 14.57 -15.02 23.29
N LEU A 77 15.40 -15.47 24.23
CA LEU A 77 15.96 -16.80 24.14
C LEU A 77 14.92 -17.82 24.57
N VAL A 78 14.95 -19.01 23.98
CA VAL A 78 14.02 -20.07 24.36
C VAL A 78 14.82 -21.26 24.86
N THR A 79 14.42 -21.76 26.02
CA THR A 79 14.92 -23.01 26.58
C THR A 79 13.85 -24.08 26.43
N LYS A 80 14.29 -25.34 26.55
CA LYS A 80 13.39 -26.50 26.55
C LYS A 80 12.41 -26.44 25.38
N HIS A 81 12.96 -26.25 24.19
CA HIS A 81 12.22 -25.95 22.97
C HIS A 81 11.94 -27.18 22.14
N GLY A 82 12.42 -28.36 22.54
CA GLY A 82 12.08 -29.58 21.86
C GLY A 82 13.01 -30.01 20.74
N ILE A 83 14.00 -29.21 20.38
CA ILE A 83 14.94 -29.62 19.34
C ILE A 83 16.15 -30.27 20.00
N GLU A 84 16.37 -31.55 19.70
CA GLU A 84 17.48 -32.28 20.30
C GLU A 84 18.81 -31.61 19.99
N ALA A 85 19.73 -31.64 20.98
CA ALA A 85 21.07 -31.10 20.76
C ALA A 85 21.74 -31.76 19.56
N SER A 86 21.55 -33.07 19.40
CA SER A 86 22.19 -33.76 18.28
C SER A 86 21.72 -33.22 16.94
N LEU A 87 20.44 -32.84 16.84
CA LEU A 87 19.94 -32.30 15.58
C LEU A 87 20.46 -30.88 15.35
N MET A 88 20.47 -30.06 16.40
CA MET A 88 21.06 -28.73 16.27
C MET A 88 22.53 -28.83 15.90
N ASP A 89 23.26 -29.77 16.51
CA ASP A 89 24.67 -29.94 16.16
C ASP A 89 24.83 -30.42 14.73
N ASP A 90 24.00 -31.38 14.30
CA ASP A 90 24.17 -31.99 12.99
C ASP A 90 23.81 -31.03 11.88
N VAL A 91 22.76 -30.20 12.06
CA VAL A 91 22.41 -29.28 10.97
C VAL A 91 23.50 -28.22 10.83
N MET A 92 24.10 -27.79 11.93
CA MET A 92 25.19 -26.83 11.83
C MET A 92 26.48 -27.47 11.34
N ALA A 93 26.68 -28.77 11.62
CA ALA A 93 27.80 -29.49 11.04
C ALA A 93 27.64 -29.62 9.52
N ALA A 94 26.42 -29.92 9.06
CA ALA A 94 26.18 -29.93 7.62
C ALA A 94 26.52 -28.57 7.00
N SER A 95 26.12 -27.49 7.66
CA SER A 95 26.44 -26.16 7.16
C SER A 95 27.95 -25.95 7.10
N ARG A 96 28.64 -26.23 8.19
CA ARG A 96 30.09 -26.05 8.21
C ARG A 96 30.75 -26.90 7.14
N ASP A 97 30.28 -28.14 6.95
CA ASP A 97 30.84 -29.01 5.93
C ASP A 97 30.71 -28.38 4.56
N PHE A 98 29.55 -27.77 4.28
CA PHE A 98 29.33 -27.11 3.01
C PHE A 98 30.26 -25.91 2.84
N PHE A 99 30.32 -25.02 3.85
CA PHE A 99 31.13 -23.82 3.69
C PHE A 99 32.62 -24.12 3.62
N TYR A 100 33.07 -25.27 4.14
CA TYR A 100 34.48 -25.60 4.07
C TYR A 100 34.89 -26.15 2.70
N GLN A 101 33.93 -26.41 1.83
CA GLN A 101 34.27 -26.95 0.51
C GLN A 101 34.93 -25.89 -0.36
N PRO A 102 35.62 -26.30 -1.40
CA PRO A 102 36.22 -25.33 -2.33
C PRO A 102 35.18 -24.43 -2.96
N LEU A 103 35.62 -23.22 -3.32
CA LEU A 103 34.73 -22.23 -3.90
C LEU A 103 33.95 -22.79 -5.08
N GLU A 104 34.62 -23.50 -5.98
CA GLU A 104 33.94 -23.98 -7.17
C GLU A 104 32.85 -24.99 -6.83
N ALA A 105 33.05 -25.80 -5.78
CA ALA A 105 32.01 -26.73 -5.35
C ALA A 105 30.79 -25.99 -4.83
N LYS A 106 31.00 -24.95 -4.01
CA LYS A 106 29.87 -24.21 -3.46
C LYS A 106 29.13 -23.44 -4.54
N GLN A 107 29.85 -22.98 -5.56
CA GLN A 107 29.19 -22.18 -6.60
C GLN A 107 28.36 -23.02 -7.55
N GLU A 108 28.41 -24.35 -7.43
CA GLU A 108 27.39 -25.16 -8.10
C GLU A 108 25.99 -24.83 -7.61
N TYR A 109 25.86 -24.12 -6.50
CA TYR A 109 24.59 -23.69 -5.94
C TYR A 109 24.49 -22.16 -5.87
N SER A 110 25.28 -21.46 -6.69
CA SER A 110 25.38 -20.01 -6.62
C SER A 110 24.04 -19.33 -6.85
N ASN A 111 23.79 -18.28 -6.06
CA ASN A 111 22.63 -17.40 -6.22
C ASN A 111 22.84 -16.34 -7.30
N LEU A 112 23.92 -16.43 -8.06
CA LEU A 112 24.16 -15.54 -9.20
C LEU A 112 23.86 -16.34 -10.45
N ILE A 113 22.74 -16.00 -11.10
CA ILE A 113 22.31 -16.76 -12.27
C ILE A 113 23.33 -16.57 -13.38
N GLY A 114 23.80 -17.69 -13.94
CA GLY A 114 24.85 -17.63 -14.94
C GLY A 114 26.15 -17.04 -14.43
N GLY A 115 26.31 -16.98 -13.11
CA GLY A 115 27.43 -16.28 -12.53
C GLY A 115 27.34 -14.78 -12.58
N LYS A 116 26.15 -14.22 -12.86
CA LYS A 116 26.06 -12.78 -13.12
C LYS A 116 24.92 -12.08 -12.38
N ARG A 117 23.76 -12.71 -12.25
CA ARG A 117 22.53 -12.00 -11.87
C ARG A 117 22.01 -12.50 -10.52
N PHE A 118 21.97 -11.59 -9.54
CA PHE A 118 21.52 -11.95 -8.21
C PHE A 118 20.08 -12.48 -8.20
N GLN A 119 19.87 -13.54 -7.42
CA GLN A 119 18.57 -13.90 -6.90
C GLN A 119 18.75 -14.27 -5.43
N MET A 120 17.64 -14.35 -4.69
CA MET A 120 17.73 -14.66 -3.26
C MET A 120 18.26 -16.07 -3.01
N GLU A 121 17.72 -17.06 -3.72
CA GLU A 121 18.00 -18.44 -3.38
C GLU A 121 19.37 -18.88 -3.86
N GLY A 122 20.14 -19.52 -2.97
CA GLY A 122 21.40 -20.13 -3.34
C GLY A 122 22.54 -19.62 -2.47
N TYR A 123 23.74 -20.02 -2.86
CA TYR A 123 24.97 -19.68 -2.15
C TYR A 123 25.60 -18.41 -2.71
N GLY A 124 25.92 -17.48 -1.82
CA GLY A 124 26.61 -16.27 -2.23
C GLY A 124 26.38 -15.17 -1.23
N ASN A 125 25.96 -14.02 -1.75
CA ASN A 125 25.88 -12.81 -0.96
C ASN A 125 24.58 -12.07 -1.25
N ASP A 126 24.26 -11.16 -0.36
CA ASP A 126 23.09 -10.32 -0.58
C ASP A 126 23.34 -9.42 -1.78
N MET A 127 22.27 -8.85 -2.32
CA MET A 127 22.40 -8.12 -3.58
C MET A 127 23.27 -6.88 -3.43
N VAL A 128 24.18 -6.68 -4.39
CA VAL A 128 24.96 -5.45 -4.51
C VAL A 128 24.20 -4.55 -5.48
N LYS A 129 23.53 -3.53 -4.92
CA LYS A 129 22.65 -2.64 -5.65
C LYS A 129 23.35 -1.42 -6.23
N SER A 130 24.53 -1.07 -5.72
CA SER A 130 25.26 0.10 -6.20
C SER A 130 26.74 -0.10 -5.93
N LYS A 131 27.56 0.61 -6.70
CA LYS A 131 29.01 0.46 -6.58
C LYS A 131 29.52 0.95 -5.23
N ASP A 132 28.85 1.94 -4.64
CA ASP A 132 29.29 2.51 -3.38
C ASP A 132 28.66 1.84 -2.16
N GLN A 133 27.87 0.80 -2.38
CA GLN A 133 27.30 0.06 -1.26
C GLN A 133 28.40 -0.57 -0.43
N ILE A 134 28.38 -0.34 0.88
CA ILE A 134 29.29 -1.03 1.79
C ILE A 134 28.75 -2.44 2.00
N LEU A 135 29.62 -3.42 1.84
CA LEU A 135 29.20 -4.82 1.87
C LEU A 135 29.41 -5.41 3.25
N ASP A 136 28.60 -6.42 3.58
CA ASP A 136 28.71 -7.12 4.85
C ASP A 136 29.78 -8.20 4.78
N TRP A 137 30.39 -8.48 5.94
CA TRP A 137 31.48 -9.45 6.08
C TRP A 137 30.89 -10.82 6.38
N GLN A 138 30.25 -11.39 5.37
CA GLN A 138 29.57 -12.68 5.51
C GLN A 138 29.23 -13.21 4.13
N ASP A 139 29.02 -14.52 4.08
CA ASP A 139 28.39 -15.20 2.95
C ASP A 139 27.17 -15.92 3.50
N ARG A 140 26.27 -16.32 2.61
CA ARG A 140 25.11 -17.07 3.10
C ARG A 140 24.57 -18.00 2.03
N LEU A 141 23.96 -19.10 2.49
CA LEU A 141 23.20 -20.01 1.65
C LEU A 141 21.74 -19.85 2.07
N GLN A 142 20.89 -19.41 1.15
CA GLN A 142 19.50 -19.11 1.47
C GLN A 142 18.58 -19.98 0.65
N LEU A 143 17.65 -20.67 1.31
CA LEU A 143 16.83 -21.68 0.63
C LEU A 143 15.37 -21.54 1.04
N ARG A 144 14.48 -21.63 0.04
CA ARG A 144 13.04 -21.67 0.32
C ARG A 144 12.66 -23.08 0.79
N VAL A 145 12.09 -23.18 1.99
CA VAL A 145 11.72 -24.46 2.56
C VAL A 145 10.23 -24.72 2.44
N GLU A 146 9.41 -23.70 2.68
CA GLU A 146 7.96 -23.80 2.57
C GLU A 146 7.41 -22.58 1.85
N PRO A 147 6.30 -22.72 1.11
CA PRO A 147 5.59 -23.99 0.89
C PRO A 147 6.39 -24.94 0.02
N GLN A 148 6.19 -26.24 0.25
CA GLN A 148 7.00 -27.27 -0.41
C GLN A 148 6.93 -27.16 -1.92
N ASP A 149 5.79 -26.73 -2.47
CA ASP A 149 5.68 -26.67 -3.93
C ASP A 149 6.46 -25.51 -4.53
N GLU A 150 7.01 -24.60 -3.72
CA GLU A 150 7.82 -23.50 -4.21
C GLU A 150 9.31 -23.75 -4.08
N ARG A 151 9.71 -24.92 -3.56
CA ARG A 151 11.13 -25.22 -3.43
C ARG A 151 11.77 -25.48 -4.78
N ASN A 152 13.06 -25.19 -4.87
CA ASN A 152 13.88 -25.59 -6.01
C ASN A 152 15.06 -26.39 -5.46
N LEU A 153 14.94 -27.71 -5.50
CA LEU A 153 15.95 -28.55 -4.87
C LEU A 153 17.30 -28.47 -5.57
N ALA A 154 17.36 -27.87 -6.77
CA ALA A 154 18.64 -27.74 -7.44
C ALA A 154 19.60 -26.85 -6.66
N TYR A 155 19.09 -26.02 -5.76
CA TYR A 155 19.95 -25.16 -4.96
C TYR A 155 20.32 -25.78 -3.62
N TRP A 156 19.78 -26.94 -3.29
CA TRP A 156 20.04 -27.57 -2.01
C TRP A 156 21.31 -28.41 -2.12
N PRO A 157 22.33 -28.14 -1.30
CA PRO A 157 23.58 -28.90 -1.41
C PRO A 157 23.37 -30.40 -1.39
N LYS A 158 24.05 -31.10 -2.31
CA LYS A 158 24.01 -32.55 -2.34
C LYS A 158 25.10 -33.19 -1.50
N HIS A 159 26.07 -32.40 -1.03
CA HIS A 159 27.18 -32.91 -0.23
C HIS A 159 27.41 -31.97 0.93
N PRO A 160 27.36 -32.46 2.18
CA PRO A 160 27.08 -33.86 2.58
C PRO A 160 25.69 -34.32 2.16
N ASP A 161 25.53 -35.61 1.85
CA ASP A 161 24.26 -36.00 1.24
C ASP A 161 23.08 -35.97 2.21
N SER A 162 23.34 -35.87 3.52
CA SER A 162 22.28 -35.71 4.50
C SER A 162 21.86 -34.26 4.70
N PHE A 163 22.44 -33.31 3.97
CA PHE A 163 22.07 -31.91 4.15
C PHE A 163 20.56 -31.70 4.05
N ARG A 164 19.95 -32.18 2.97
CA ARG A 164 18.53 -31.95 2.75
C ARG A 164 17.70 -32.55 3.87
N ASP A 165 17.97 -33.81 4.23
CA ASP A 165 17.23 -34.47 5.30
C ASP A 165 17.35 -33.72 6.63
N LEU A 166 18.56 -33.28 6.97
CA LEU A 166 18.76 -32.57 8.23
C LEU A 166 18.00 -31.25 8.24
N LEU A 167 18.05 -30.50 7.14
CA LEU A 167 17.32 -29.24 7.10
C LEU A 167 15.82 -29.47 7.16
N GLU A 168 15.31 -30.48 6.44
CA GLU A 168 13.88 -30.78 6.53
C GLU A 168 13.46 -31.12 7.95
N LYS A 169 14.25 -31.94 8.63
CA LYS A 169 13.89 -32.33 10.01
C LYS A 169 13.99 -31.12 10.94
N TYR A 170 15.09 -30.38 10.83
CA TYR A 170 15.23 -29.22 11.71
C TYR A 170 14.09 -28.21 11.51
N ALA A 171 13.78 -27.90 10.25
CA ALA A 171 12.71 -26.95 9.98
C ALA A 171 11.36 -27.43 10.51
N SER A 172 11.12 -28.75 10.49
CA SER A 172 9.87 -29.23 11.06
C SER A 172 9.81 -28.96 12.55
N LYS A 173 10.96 -29.01 13.24
CA LYS A 173 11.00 -28.71 14.67
C LYS A 173 10.93 -27.21 14.94
N THR A 174 11.56 -26.36 14.11
CA THR A 174 11.38 -24.93 14.35
C THR A 174 9.97 -24.46 14.04
N LYS A 175 9.24 -25.17 13.15
CA LYS A 175 7.85 -24.79 12.90
C LYS A 175 6.99 -24.99 14.15
N ILE A 176 7.29 -26.04 14.92
CA ILE A 176 6.58 -26.24 16.19
C ILE A 176 6.86 -25.08 17.14
N VAL A 177 8.13 -24.65 17.22
CA VAL A 177 8.46 -23.50 18.05
C VAL A 177 7.68 -22.28 17.58
N ARG A 178 7.66 -22.04 16.26
CA ARG A 178 6.88 -20.93 15.72
C ARG A 178 5.45 -20.98 16.19
N ASN A 179 4.82 -22.16 16.08
CA ASN A 179 3.41 -22.27 16.43
C ASN A 179 3.18 -22.00 17.91
N LYS A 180 4.03 -22.57 18.77
CA LYS A 180 3.85 -22.38 20.21
C LYS A 180 4.00 -20.92 20.58
N VAL A 181 4.97 -20.23 19.99
CA VAL A 181 5.16 -18.81 20.26
C VAL A 181 3.97 -18.01 19.76
N LEU A 182 3.53 -18.27 18.52
CA LEU A 182 2.43 -17.50 17.95
C LEU A 182 1.15 -17.70 18.74
N ARG A 183 0.91 -18.91 19.23
CA ARG A 183 -0.31 -19.17 20.01
C ARG A 183 -0.26 -18.41 21.33
N ALA A 184 0.92 -18.35 21.96
CA ALA A 184 1.05 -17.58 23.19
C ALA A 184 0.88 -16.10 22.93
N MET A 185 1.31 -15.62 21.77
CA MET A 185 1.14 -14.20 21.47
C MET A 185 -0.32 -13.87 21.22
N GLY A 186 -1.04 -14.76 20.52
CA GLY A 186 -2.47 -14.57 20.37
C GLY A 186 -3.19 -14.54 21.71
N LYS A 187 -2.80 -15.43 22.61
CA LYS A 187 -3.43 -15.50 23.92
C LYS A 187 -3.17 -14.23 24.73
N THR A 188 -1.91 -13.77 24.78
CA THR A 188 -1.62 -12.62 25.62
C THR A 188 -2.27 -11.35 25.08
N LEU A 189 -2.42 -11.24 23.76
CA LEU A 189 -3.11 -10.09 23.18
C LEU A 189 -4.63 -10.24 23.15
N GLU A 190 -5.16 -11.36 23.67
CA GLU A 190 -6.61 -11.61 23.75
C GLU A 190 -7.26 -11.65 22.36
N LEU A 191 -6.54 -12.21 21.39
CA LEU A 191 -7.01 -12.38 20.03
C LEU A 191 -7.41 -13.82 19.73
N GLY A 192 -7.16 -14.75 20.67
CA GLY A 192 -7.37 -16.16 20.41
C GLY A 192 -6.08 -16.83 20.03
N GLU A 193 -5.87 -18.08 20.48
CA GLU A 193 -4.58 -18.73 20.24
C GLU A 193 -4.32 -18.97 18.75
N ASP A 194 -5.36 -19.17 17.95
CA ASP A 194 -5.14 -19.42 16.53
C ASP A 194 -5.03 -18.15 15.70
N TYR A 195 -5.08 -16.95 16.31
CA TYR A 195 -5.20 -15.73 15.50
C TYR A 195 -4.04 -15.58 14.52
N PHE A 196 -2.80 -15.61 15.02
CA PHE A 196 -1.69 -15.36 14.10
C PHE A 196 -1.41 -16.57 13.20
N ILE A 197 -1.69 -17.79 13.68
CA ILE A 197 -1.60 -18.97 12.82
C ILE A 197 -2.50 -18.80 11.60
N SER A 198 -3.73 -18.35 11.81
CA SER A 198 -4.65 -18.21 10.69
C SER A 198 -4.25 -17.05 9.78
N GLN A 199 -3.73 -15.96 10.36
CA GLN A 199 -3.26 -14.85 9.52
C GLN A 199 -2.13 -15.29 8.62
N ILE A 200 -1.17 -16.00 9.17
CA ILE A 200 -0.01 -16.40 8.39
C ILE A 200 -0.42 -17.33 7.25
N GLY A 201 -1.36 -18.23 7.52
CA GLY A 201 -2.08 -18.91 6.47
C GLY A 201 -1.43 -20.20 6.01
N ASP A 202 -2.17 -20.87 5.13
CA ASP A 202 -1.76 -22.18 4.61
C ASP A 202 -0.43 -22.09 3.87
N ARG A 203 -0.30 -21.11 2.97
CA ARG A 203 0.85 -21.02 2.08
C ARG A 203 2.04 -20.29 2.72
N ALA A 204 2.04 -20.18 4.04
CA ALA A 204 3.02 -19.40 4.77
C ALA A 204 4.46 -19.75 4.38
N SER A 205 5.31 -18.73 4.30
CA SER A 205 6.67 -18.90 3.83
C SER A 205 7.57 -19.36 4.96
N ALA A 206 8.52 -20.23 4.64
CA ALA A 206 9.63 -20.56 5.51
C ALA A 206 10.90 -20.55 4.66
N ILE A 207 11.86 -19.74 5.07
CA ILE A 207 13.12 -19.58 4.35
C ILE A 207 14.25 -19.84 5.34
N ALA A 208 15.18 -20.72 4.94
CA ALA A 208 16.38 -21.02 5.72
C ALA A 208 17.53 -20.15 5.25
N ARG A 209 18.19 -19.47 6.17
CA ARG A 209 19.38 -18.70 5.82
C ARG A 209 20.55 -19.17 6.67
N PHE A 210 21.52 -19.86 6.02
CA PHE A 210 22.76 -20.28 6.67
C PHE A 210 23.78 -19.17 6.51
N ASN A 211 24.12 -18.49 7.61
CA ASN A 211 25.10 -17.41 7.58
C ASN A 211 26.48 -17.92 7.94
N TYR A 212 27.49 -17.49 7.20
CA TYR A 212 28.89 -17.81 7.49
C TYR A 212 29.66 -16.50 7.61
N TYR A 213 30.18 -16.21 8.81
CA TYR A 213 30.95 -14.99 9.03
C TYR A 213 32.41 -15.35 9.17
N PRO A 214 33.27 -15.09 8.19
CA PRO A 214 34.70 -15.36 8.37
C PRO A 214 35.29 -14.46 9.44
N PRO A 215 36.41 -14.85 10.05
CA PRO A 215 37.11 -13.89 10.91
C PRO A 215 37.48 -12.64 10.12
N CYS A 216 37.56 -11.53 10.83
CA CYS A 216 37.86 -10.23 10.24
C CYS A 216 39.03 -9.64 11.01
N PRO A 217 40.08 -9.14 10.34
CA PRO A 217 41.23 -8.61 11.08
C PRO A 217 40.92 -7.32 11.83
N ARG A 218 39.86 -6.61 11.46
CA ARG A 218 39.51 -5.33 12.07
C ARG A 218 38.00 -5.29 12.29
N PRO A 219 37.51 -5.99 13.32
CA PRO A 219 36.06 -6.02 13.58
C PRO A 219 35.47 -4.65 13.86
N ASP A 220 36.28 -3.64 14.16
CA ASP A 220 35.78 -2.30 14.38
C ASP A 220 35.38 -1.60 13.09
N LEU A 221 35.76 -2.13 11.92
CA LEU A 221 35.57 -1.42 10.66
C LEU A 221 34.40 -1.90 9.81
N VAL A 222 33.77 -3.03 10.17
CA VAL A 222 32.82 -3.71 9.30
C VAL A 222 31.64 -4.20 10.12
N PHE A 223 30.58 -4.61 9.42
CA PHE A 223 29.53 -5.42 10.02
C PHE A 223 29.57 -6.82 9.45
N GLY A 224 29.33 -7.82 10.31
CA GLY A 224 29.05 -9.18 9.83
C GLY A 224 27.74 -9.24 9.07
N ILE A 225 26.67 -8.76 9.69
CA ILE A 225 25.43 -8.43 8.98
C ILE A 225 24.99 -7.07 9.48
N LYS A 226 24.65 -6.18 8.56
CA LYS A 226 24.36 -4.80 8.91
C LYS A 226 23.07 -4.69 9.73
N PRO A 227 22.90 -3.58 10.46
CA PRO A 227 21.63 -3.36 11.16
C PRO A 227 20.42 -3.53 10.24
N HIS A 228 19.47 -4.34 10.70
CA HIS A 228 18.26 -4.59 9.93
C HIS A 228 17.21 -5.11 10.87
N SER A 229 15.96 -5.08 10.43
CA SER A 229 14.93 -5.92 11.03
C SER A 229 14.51 -6.94 9.99
N ASP A 230 14.06 -8.10 10.47
CA ASP A 230 13.58 -9.13 9.54
C ASP A 230 12.18 -8.77 9.07
N GLY A 231 11.85 -9.15 7.83
CA GLY A 231 10.61 -8.65 7.25
C GLY A 231 9.36 -9.45 7.55
N GLY A 232 9.50 -10.70 7.97
CA GLY A 232 8.37 -11.61 8.10
C GLY A 232 7.67 -11.50 9.44
N ALA A 233 7.12 -12.63 9.89
CA ALA A 233 6.37 -12.67 11.13
C ALA A 233 7.25 -13.00 12.33
N VAL A 234 7.98 -14.11 12.27
CA VAL A 234 8.86 -14.47 13.37
C VAL A 234 10.05 -15.22 12.79
N THR A 235 11.20 -15.07 13.45
CA THR A 235 12.44 -15.73 13.09
C THR A 235 12.89 -16.61 14.25
N ILE A 236 13.33 -17.83 13.92
CA ILE A 236 13.92 -18.75 14.89
C ILE A 236 15.39 -18.90 14.50
N LEU A 237 16.29 -18.53 15.42
CA LEU A 237 17.72 -18.40 15.12
C LEU A 237 18.54 -19.38 15.96
N LEU A 238 19.44 -20.11 15.29
CA LEU A 238 20.40 -21.00 15.92
C LEU A 238 21.81 -20.50 15.63
N VAL A 239 22.61 -20.32 16.68
CA VAL A 239 24.00 -19.88 16.54
C VAL A 239 24.90 -21.03 16.96
N ASP A 240 25.74 -21.51 16.05
CA ASP A 240 26.56 -22.69 16.38
C ASP A 240 27.54 -22.34 17.49
N LYS A 241 27.57 -23.20 18.51
CA LYS A 241 28.46 -23.08 19.67
C LYS A 241 28.33 -21.74 20.38
N ASP A 242 27.20 -21.05 20.21
CA ASP A 242 26.91 -19.81 20.92
C ASP A 242 27.99 -18.74 20.75
N VAL A 243 28.63 -18.70 19.57
CA VAL A 243 29.69 -17.73 19.32
C VAL A 243 29.10 -16.32 19.32
N GLY A 244 29.75 -15.41 20.05
CA GLY A 244 29.22 -14.07 20.16
C GLY A 244 29.27 -13.30 18.85
N GLY A 245 28.43 -12.27 18.78
CA GLY A 245 28.38 -11.42 17.62
C GLY A 245 27.06 -10.70 17.45
N LEU A 246 25.96 -11.37 17.82
CA LEU A 246 24.63 -10.79 17.63
C LEU A 246 24.37 -9.68 18.65
N GLN A 247 23.85 -8.55 18.16
CA GLN A 247 23.50 -7.41 19.00
C GLN A 247 22.13 -6.89 18.59
N VAL A 248 21.45 -6.23 19.52
CA VAL A 248 20.09 -5.72 19.30
C VAL A 248 20.04 -4.27 19.75
N GLN A 249 19.28 -3.48 19.02
CA GLN A 249 19.16 -2.05 19.30
C GLN A 249 17.89 -1.76 20.09
N LYS A 250 18.02 -0.89 21.09
CA LYS A 250 16.86 -0.46 21.86
C LYS A 250 17.09 0.98 22.27
N ASP A 251 16.18 1.87 21.87
CA ASP A 251 16.30 3.29 22.16
C ASP A 251 17.67 3.82 21.74
N GLY A 252 18.11 3.41 20.56
CA GLY A 252 19.36 3.91 20.00
C GLY A 252 20.63 3.34 20.57
N VAL A 253 20.56 2.43 21.54
CA VAL A 253 21.73 1.82 22.15
C VAL A 253 21.85 0.38 21.65
N TRP A 254 23.07 -0.06 21.40
CA TRP A 254 23.33 -1.43 20.97
C TRP A 254 23.69 -2.30 22.17
N TYR A 255 23.02 -3.45 22.28
CA TYR A 255 23.22 -4.39 23.38
C TYR A 255 23.63 -5.76 22.86
N THR A 256 24.55 -6.40 23.57
CA THR A 256 24.90 -7.78 23.28
C THR A 256 23.70 -8.68 23.56
N VAL A 257 23.32 -9.52 22.59
CA VAL A 257 22.30 -10.53 22.86
C VAL A 257 22.99 -11.70 23.56
N PRO A 258 22.59 -12.02 24.79
CA PRO A 258 23.32 -13.03 25.55
C PRO A 258 23.14 -14.42 24.96
N SER A 259 24.03 -15.30 25.35
CA SER A 259 23.95 -16.69 24.93
C SER A 259 23.65 -17.58 26.14
N MET A 260 23.02 -18.71 25.85
CA MET A 260 22.81 -19.79 26.80
C MET A 260 22.99 -21.06 25.99
N PRO A 261 23.67 -22.07 26.54
CA PRO A 261 23.88 -23.30 25.78
C PRO A 261 22.57 -23.99 25.45
N HIS A 262 22.51 -24.53 24.23
CA HIS A 262 21.38 -25.34 23.76
C HIS A 262 20.08 -24.53 23.72
N THR A 263 20.16 -23.23 23.43
CA THR A 263 18.98 -22.41 23.27
C THR A 263 18.84 -21.94 21.84
N LEU A 264 17.63 -21.50 21.52
CA LEU A 264 17.35 -20.80 20.27
C LEU A 264 17.01 -19.35 20.59
N LEU A 265 17.07 -18.50 19.58
CA LEU A 265 16.63 -17.12 19.73
C LEU A 265 15.40 -16.90 18.84
N VAL A 266 14.37 -16.26 19.40
CA VAL A 266 13.13 -15.96 18.70
C VAL A 266 13.05 -14.45 18.60
N ASN A 267 12.91 -13.91 17.38
CA ASN A 267 12.64 -12.49 17.25
C ASN A 267 11.48 -12.23 16.30
N LEU A 268 10.80 -11.11 16.53
CA LEU A 268 9.67 -10.73 15.70
C LEU A 268 10.16 -10.07 14.42
N GLY A 269 9.34 -10.12 13.37
CA GLY A 269 9.61 -9.43 12.13
C GLY A 269 8.59 -8.33 11.87
N ASP A 270 8.85 -7.57 10.81
CA ASP A 270 8.06 -6.36 10.52
C ASP A 270 6.59 -6.71 10.28
N SER A 271 6.32 -7.85 9.65
CA SER A 271 4.93 -8.20 9.34
C SER A 271 4.14 -8.39 10.63
N MET A 272 4.79 -8.94 11.65
CA MET A 272 4.14 -9.07 12.95
C MET A 272 3.96 -7.71 13.60
N GLU A 273 4.94 -6.81 13.46
CA GLU A 273 4.76 -5.48 14.02
C GLU A 273 3.48 -4.84 13.49
N ILE A 274 3.19 -4.99 12.19
CA ILE A 274 1.94 -4.44 11.65
C ILE A 274 0.74 -5.17 12.23
N MET A 275 0.77 -6.51 12.19
CA MET A 275 -0.40 -7.29 12.58
C MET A 275 -0.79 -7.07 14.03
N ASN A 276 0.18 -6.81 14.91
CA ASN A 276 -0.15 -6.61 16.32
C ASN A 276 -0.13 -5.13 16.70
N ASN A 277 -0.27 -4.23 15.71
CA ASN A 277 -0.43 -2.80 15.93
C ASN A 277 0.72 -2.17 16.72
N GLY A 278 1.91 -2.76 16.61
CA GLY A 278 3.05 -2.18 17.28
C GLY A 278 3.11 -2.38 18.77
N ILE A 279 2.21 -3.17 19.36
CA ILE A 279 2.31 -3.47 20.79
C ILE A 279 3.65 -4.11 21.08
N PHE A 280 4.05 -5.08 20.26
CA PHE A 280 5.40 -5.58 20.21
C PHE A 280 6.02 -5.12 18.89
N LYS A 281 7.31 -4.81 18.90
CA LYS A 281 7.92 -4.28 17.69
C LYS A 281 8.97 -5.24 17.14
N SER A 282 9.28 -5.05 15.86
CA SER A 282 10.30 -5.84 15.17
C SER A 282 11.67 -5.27 15.51
N PRO A 283 12.54 -6.02 16.19
CA PRO A 283 13.81 -5.45 16.65
C PRO A 283 14.86 -5.33 15.56
N VAL A 284 15.56 -4.21 15.57
CA VAL A 284 16.73 -4.01 14.72
C VAL A 284 17.92 -4.72 15.35
N HIS A 285 18.59 -5.54 14.55
CA HIS A 285 19.71 -6.32 15.08
C HIS A 285 20.84 -6.33 14.05
N ARG A 286 22.03 -6.72 14.50
CA ARG A 286 23.22 -6.76 13.66
C ARG A 286 24.18 -7.80 14.24
N VAL A 287 25.18 -8.16 13.45
CA VAL A 287 26.25 -9.05 13.91
C VAL A 287 27.58 -8.35 13.70
N VAL A 288 28.40 -8.34 14.75
CA VAL A 288 29.78 -7.88 14.65
C VAL A 288 30.68 -9.10 14.50
N THR A 289 31.72 -8.95 13.69
CA THR A 289 32.69 -10.00 13.46
C THR A 289 33.69 -10.03 14.62
N ASN A 290 34.62 -10.97 14.56
CA ASN A 290 35.72 -11.02 15.50
C ASN A 290 36.97 -11.50 14.76
N ALA A 291 38.12 -11.29 15.38
CA ALA A 291 39.39 -11.55 14.71
C ALA A 291 39.85 -13.00 14.79
N GLU A 292 39.30 -13.80 15.72
CA GLU A 292 39.85 -15.10 16.03
C GLU A 292 39.14 -16.27 15.34
N LYS A 293 37.83 -16.16 15.11
CA LYS A 293 37.16 -17.36 14.65
C LYS A 293 35.97 -17.02 13.76
N GLU A 294 35.66 -17.97 12.89
CA GLU A 294 34.44 -17.91 12.09
C GLU A 294 33.22 -18.06 13.00
N ARG A 295 32.07 -17.64 12.48
CA ARG A 295 30.82 -17.77 13.20
C ARG A 295 29.77 -18.25 12.21
N LEU A 296 28.96 -19.22 12.63
CA LEU A 296 27.91 -19.81 11.80
C LEU A 296 26.56 -19.70 12.49
N SER A 297 25.54 -19.28 11.73
CA SER A 297 24.20 -19.27 12.27
C SER A 297 23.24 -19.78 11.22
N LEU A 298 22.06 -20.18 11.67
CA LEU A 298 20.96 -20.61 10.80
C LEU A 298 19.71 -19.88 11.25
N ALA A 299 19.18 -19.03 10.39
CA ALA A 299 17.94 -18.30 10.65
C ALA A 299 16.81 -18.97 9.88
N MET A 300 15.73 -19.31 10.59
CA MET A 300 14.52 -19.79 9.93
C MET A 300 13.53 -18.62 9.94
N PHE A 301 13.29 -18.05 8.76
CA PHE A 301 12.39 -16.92 8.61
C PHE A 301 10.99 -17.44 8.31
N TYR A 302 10.02 -17.11 9.17
CA TYR A 302 8.63 -17.49 8.94
C TYR A 302 7.85 -16.24 8.55
N GLY A 303 7.26 -16.27 7.36
CA GLY A 303 6.54 -15.14 6.81
C GLY A 303 5.05 -15.40 6.72
N VAL A 304 4.36 -14.39 6.20
CA VAL A 304 2.92 -14.42 5.97
C VAL A 304 2.66 -14.76 4.51
N GLU A 305 1.63 -15.56 4.24
CA GLU A 305 1.33 -15.86 2.84
C GLU A 305 1.11 -14.56 2.06
N GLY A 306 1.57 -14.55 0.81
CA GLY A 306 1.71 -13.28 0.09
C GLY A 306 0.41 -12.52 -0.11
N GLN A 307 -0.70 -13.23 -0.28
CA GLN A 307 -1.94 -12.53 -0.58
C GLN A 307 -2.65 -12.01 0.67
N ARG A 308 -2.15 -12.29 1.86
CA ARG A 308 -2.80 -11.79 3.07
C ARG A 308 -2.52 -10.31 3.24
N VAL A 309 -3.57 -9.54 3.51
CA VAL A 309 -3.38 -8.14 3.85
C VAL A 309 -2.91 -8.03 5.29
N LEU A 310 -1.71 -7.49 5.47
CA LEU A 310 -1.22 -7.18 6.80
C LEU A 310 -1.98 -5.98 7.33
N GLU A 311 -2.57 -6.11 8.52
CA GLU A 311 -3.31 -4.99 9.11
C GLU A 311 -3.35 -5.18 10.60
N PRO A 312 -3.48 -4.10 11.36
CA PRO A 312 -3.64 -4.23 12.81
C PRO A 312 -4.86 -5.08 13.13
N ALA A 313 -4.68 -6.07 14.01
CA ALA A 313 -5.78 -6.97 14.34
C ALA A 313 -6.97 -6.18 14.90
N LEU A 314 -8.17 -6.52 14.43
CA LEU A 314 -9.36 -5.77 14.82
C LEU A 314 -9.54 -5.76 16.33
N GLY A 315 -9.22 -6.87 16.99
CA GLY A 315 -9.36 -6.98 18.43
C GLY A 315 -8.43 -6.10 19.23
N LEU A 316 -7.48 -5.43 18.58
CA LEU A 316 -6.58 -4.50 19.24
C LEU A 316 -7.02 -3.05 19.09
N LEU A 317 -8.12 -2.79 18.40
CA LEU A 317 -8.54 -1.45 18.04
C LEU A 317 -9.78 -1.05 18.80
N GLY A 318 -9.90 0.26 19.04
CA GLY A 318 -11.05 0.78 19.73
C GLY A 318 -10.95 2.28 19.86
N GLU A 319 -11.89 2.86 20.62
CA GLU A 319 -12.02 4.31 20.66
C GLU A 319 -10.76 4.99 21.15
N GLU A 320 -10.03 4.37 22.08
CA GLU A 320 -8.75 4.92 22.54
C GLU A 320 -7.56 4.10 22.05
N ARG A 321 -7.78 3.20 21.11
CA ARG A 321 -6.71 2.37 20.55
C ARG A 321 -6.75 2.54 19.03
N PRO A 322 -6.15 3.59 18.51
CA PRO A 322 -6.18 3.81 17.07
C PRO A 322 -5.26 2.84 16.35
N ALA A 323 -5.57 2.59 15.08
CA ALA A 323 -4.61 1.88 14.24
C ALA A 323 -3.35 2.72 14.11
N ARG A 324 -2.19 2.07 14.24
CA ARG A 324 -0.92 2.74 14.17
C ARG A 324 -0.18 2.44 12.89
N TYR A 325 -0.72 1.55 12.05
CA TYR A 325 -0.07 1.11 10.82
C TYR A 325 -1.11 1.03 9.71
N ARG A 326 -0.71 1.43 8.52
CA ARG A 326 -1.54 1.23 7.34
C ARG A 326 -1.53 -0.24 6.89
N LYS A 327 -2.56 -0.63 6.17
CA LYS A 327 -2.67 -1.97 5.62
C LYS A 327 -1.85 -2.12 4.35
N ILE A 328 -1.34 -3.33 4.11
CA ILE A 328 -0.57 -3.62 2.91
C ILE A 328 -0.54 -5.12 2.70
N MET A 329 -0.68 -5.54 1.44
CA MET A 329 -0.52 -6.97 1.14
C MET A 329 0.87 -7.42 1.53
N ALA A 330 0.94 -8.60 2.16
CA ALA A 330 2.24 -9.13 2.58
C ALA A 330 3.23 -9.20 1.41
N SER A 331 2.78 -9.61 0.23
CA SER A 331 3.69 -9.72 -0.91
C SER A 331 4.23 -8.35 -1.30
N ASP A 332 3.40 -7.31 -1.20
CA ASP A 332 3.83 -5.95 -1.51
C ASP A 332 4.79 -5.42 -0.45
N TYR A 333 4.59 -5.78 0.82
CA TYR A 333 5.53 -5.36 1.84
C TYR A 333 6.91 -5.92 1.54
N ILE A 334 6.97 -7.20 1.16
CA ILE A 334 8.26 -7.83 0.91
C ILE A 334 8.93 -7.22 -0.33
N ILE A 335 8.15 -6.91 -1.36
CA ILE A 335 8.68 -6.19 -2.53
C ILE A 335 9.23 -4.83 -2.11
N GLY A 336 8.50 -4.12 -1.25
CA GLY A 336 8.95 -2.80 -0.81
C GLY A 336 10.27 -2.85 -0.06
N LEU A 337 10.52 -3.94 0.67
CA LEU A 337 11.77 -4.08 1.39
C LEU A 337 12.96 -4.13 0.45
N ARG A 338 12.77 -4.65 -0.77
CA ARG A 338 13.85 -4.78 -1.73
C ARG A 338 14.27 -3.45 -2.33
N GLN A 339 13.44 -2.42 -2.21
CA GLN A 339 13.73 -1.15 -2.82
C GLN A 339 14.79 -0.39 -2.05
N GLY A 340 15.56 0.42 -2.77
CA GLY A 340 16.55 1.25 -2.12
C GLY A 340 15.92 2.19 -1.11
N ILE A 341 16.65 2.42 -0.01
CA ILE A 341 16.16 3.22 1.10
C ILE A 341 17.24 4.23 1.47
N ALA A 342 16.80 5.42 1.88
CA ALA A 342 17.73 6.47 2.28
C ALA A 342 18.48 6.09 3.55
N GLU A 343 19.74 6.51 3.62
CA GLU A 343 20.59 6.25 4.77
C GLU A 343 19.88 6.58 6.08
N GLY A 344 19.85 5.61 6.99
CA GLY A 344 19.26 5.80 8.30
C GLY A 344 17.77 5.57 8.39
N GLN A 345 17.09 5.32 7.28
CA GLN A 345 15.64 5.16 7.27
C GLN A 345 15.26 3.67 7.26
N ARG A 346 14.06 3.39 7.78
CA ARG A 346 13.52 2.04 7.86
C ARG A 346 12.20 1.97 7.11
N PHE A 347 12.00 0.87 6.38
CA PHE A 347 10.79 0.75 5.57
C PHE A 347 9.53 0.71 6.43
N ILE A 348 9.58 0.02 7.58
CA ILE A 348 8.38 -0.11 8.39
C ILE A 348 7.84 1.25 8.80
N GLU A 349 8.74 2.24 8.96
CA GLU A 349 8.32 3.58 9.35
C GLU A 349 7.41 4.20 8.29
N THR A 350 7.54 3.79 7.03
CA THR A 350 6.71 4.39 5.98
C THR A 350 5.27 3.89 6.03
N LEU A 351 4.97 2.89 6.86
CA LEU A 351 3.62 2.39 7.04
C LEU A 351 2.98 2.91 8.32
N LYS A 352 3.71 3.66 9.12
CA LYS A 352 3.16 4.14 10.38
C LYS A 352 2.21 5.29 10.16
N ILE A 353 1.16 5.32 10.99
CA ILE A 353 0.19 6.41 10.96
C ILE A 353 0.59 7.46 12.01
N MET B 1 -35.70 1.22 21.17
CA MET B 1 -34.71 2.24 20.77
C MET B 1 -35.36 3.32 19.87
N ALA B 2 -34.88 3.53 18.64
CA ALA B 2 -35.22 4.80 17.99
C ALA B 2 -35.76 4.76 16.57
N ASP B 3 -36.11 5.95 16.10
CA ASP B 3 -36.64 6.13 14.74
C ASP B 3 -35.58 6.89 13.96
N GLU B 4 -35.05 6.26 12.93
CA GLU B 4 -34.00 6.92 12.11
C GLU B 4 -34.57 7.09 10.70
N SER B 5 -35.73 7.73 10.59
CA SER B 5 -36.32 7.89 9.24
C SER B 5 -35.82 9.16 8.54
N TRP B 6 -34.90 9.90 9.16
CA TRP B 6 -34.25 11.10 8.56
C TRP B 6 -33.15 10.67 7.59
N ARG B 7 -32.76 9.41 7.59
CA ARG B 7 -31.72 8.80 6.73
C ARG B 7 -32.32 8.41 5.37
N VAL B 8 -33.62 8.56 5.21
CA VAL B 8 -34.30 8.19 3.95
C VAL B 8 -34.83 9.46 3.30
N PRO B 9 -34.03 10.11 2.44
CA PRO B 9 -34.51 11.32 1.82
C PRO B 9 -35.42 11.08 0.62
N THR B 10 -36.38 12.00 0.44
CA THR B 10 -37.17 12.05 -0.78
C THR B 10 -36.35 12.68 -1.89
N PRO B 11 -36.39 12.12 -3.11
CA PRO B 11 -35.62 12.69 -4.21
C PRO B 11 -35.90 14.18 -4.41
N VAL B 12 -34.84 14.92 -4.71
CA VAL B 12 -34.93 16.36 -4.86
C VAL B 12 -35.80 16.73 -6.05
N GLN B 13 -35.83 15.88 -7.09
CA GLN B 13 -36.73 16.16 -8.21
C GLN B 13 -38.17 16.31 -7.72
N GLU B 14 -38.57 15.54 -6.70
CA GLU B 14 -39.91 15.66 -6.14
C GLU B 14 -40.03 16.87 -5.24
N LEU B 15 -39.06 17.06 -4.33
CA LEU B 15 -39.11 18.17 -3.38
C LEU B 15 -39.00 19.52 -4.06
N ALA B 16 -38.42 19.58 -5.26
CA ALA B 16 -38.19 20.85 -5.92
C ALA B 16 -39.38 21.34 -6.71
N ALA B 17 -40.40 20.50 -6.92
CA ALA B 17 -41.50 20.83 -7.79
C ALA B 17 -42.30 22.00 -7.24
N GLY B 18 -42.32 23.10 -7.97
CA GLY B 18 -43.17 24.24 -7.65
C GLY B 18 -42.74 25.07 -6.45
N VAL B 19 -41.59 24.82 -5.86
CA VAL B 19 -41.25 25.54 -4.63
C VAL B 19 -40.72 26.93 -4.97
N VAL B 20 -40.92 27.84 -4.03
CA VAL B 20 -40.34 29.18 -4.09
C VAL B 20 -39.27 29.40 -3.03
N GLU B 21 -39.10 28.47 -2.09
CA GLU B 21 -38.00 28.45 -1.15
C GLU B 21 -37.39 27.06 -1.14
N PRO B 22 -36.07 26.94 -1.06
CA PRO B 22 -35.46 25.62 -0.84
C PRO B 22 -35.85 25.11 0.53
N PRO B 23 -36.25 23.83 0.63
CA PRO B 23 -36.45 23.25 1.96
C PRO B 23 -35.21 23.40 2.82
N THR B 24 -35.41 23.49 4.14
CA THR B 24 -34.36 23.90 5.05
C THR B 24 -33.13 23.01 4.98
N GLN B 25 -33.32 21.72 4.72
CA GLN B 25 -32.18 20.79 4.77
C GLN B 25 -31.19 21.00 3.64
N PHE B 26 -31.49 21.85 2.66
CA PHE B 26 -30.56 22.18 1.58
C PHE B 26 -29.84 23.51 1.78
N VAL B 27 -30.24 24.31 2.77
CA VAL B 27 -29.75 25.68 2.87
C VAL B 27 -28.42 25.72 3.60
N LEU B 28 -27.41 26.29 2.94
CA LEU B 28 -26.07 26.42 3.51
C LEU B 28 -26.01 27.61 4.46
N GLN B 29 -25.09 27.51 5.43
CA GLN B 29 -24.74 28.71 6.20
C GLN B 29 -24.16 29.75 5.27
N GLU B 30 -24.37 31.03 5.62
CA GLU B 30 -24.08 32.12 4.69
C GLU B 30 -22.63 32.09 4.21
N GLN B 31 -21.69 31.77 5.10
CA GLN B 31 -20.29 31.78 4.73
C GLN B 31 -19.92 30.60 3.83
N ASP B 32 -20.78 29.59 3.75
CA ASP B 32 -20.55 28.40 2.93
C ASP B 32 -21.24 28.48 1.58
N ARG B 33 -22.04 29.51 1.34
CA ARG B 33 -22.84 29.58 0.12
C ARG B 33 -21.94 29.82 -1.10
N PRO B 34 -22.41 29.47 -2.30
CA PRO B 34 -21.55 29.63 -3.49
C PRO B 34 -21.05 31.03 -3.70
N GLY B 35 -21.78 32.06 -3.28
CA GLY B 35 -21.30 33.42 -3.40
C GLY B 35 -20.98 34.05 -2.07
N SER B 36 -20.85 33.23 -1.02
CA SER B 36 -20.59 33.69 0.36
C SER B 36 -21.65 34.69 0.84
N GLY B 37 -22.87 34.58 0.32
CA GLY B 37 -23.93 35.50 0.66
C GLY B 37 -24.30 36.46 -0.45
N THR B 38 -23.57 36.47 -1.56
CA THR B 38 -23.83 37.33 -2.70
C THR B 38 -24.35 36.49 -3.86
N LEU B 39 -24.61 37.19 -4.97
CA LEU B 39 -25.14 36.52 -6.19
C LEU B 39 -24.00 36.18 -7.16
N LEU B 40 -22.76 36.55 -6.84
CA LEU B 40 -21.57 36.26 -7.69
C LEU B 40 -20.96 34.92 -7.26
N PHE B 41 -21.15 33.91 -8.11
CA PHE B 41 -20.74 32.54 -7.76
C PHE B 41 -19.30 32.28 -8.19
N ALA B 42 -18.86 32.83 -9.32
CA ALA B 42 -17.52 32.45 -9.80
C ALA B 42 -16.95 33.45 -10.80
N THR B 43 -15.67 33.30 -11.05
CA THR B 43 -14.94 34.13 -12.02
C THR B 43 -14.77 33.35 -13.32
N ASP B 44 -14.83 34.05 -14.43
CA ASP B 44 -14.54 33.44 -15.72
C ASP B 44 -13.12 32.88 -15.73
N MET B 45 -12.96 31.70 -16.29
CA MET B 45 -11.65 31.07 -16.34
C MET B 45 -10.74 31.84 -17.28
N PRO B 46 -9.56 32.26 -16.85
CA PRO B 46 -8.65 33.01 -17.73
C PRO B 46 -8.05 32.14 -18.83
N GLU B 47 -7.69 32.81 -19.92
CA GLU B 47 -6.95 32.14 -20.98
C GLU B 47 -5.53 31.84 -20.51
N PRO B 48 -4.91 30.78 -21.04
CA PRO B 48 -5.42 29.83 -22.03
C PRO B 48 -6.35 28.78 -21.43
N ILE B 49 -7.53 28.62 -22.04
CA ILE B 49 -8.47 27.59 -21.60
C ILE B 49 -7.83 26.22 -21.75
N PRO B 50 -7.90 25.34 -20.74
CA PRO B 50 -7.27 24.03 -20.85
C PRO B 50 -8.01 23.13 -21.82
N VAL B 51 -7.49 23.01 -23.04
CA VAL B 51 -8.13 22.23 -24.10
C VAL B 51 -7.07 21.36 -24.75
N VAL B 52 -7.37 20.06 -24.91
CA VAL B 52 -6.43 19.10 -25.48
C VAL B 52 -7.11 18.38 -26.63
N ASP B 53 -6.45 18.39 -27.80
CA ASP B 53 -6.87 17.62 -28.97
C ASP B 53 -6.33 16.20 -28.80
N LEU B 54 -7.21 15.28 -28.42
CA LEU B 54 -6.79 13.92 -28.10
C LEU B 54 -6.17 13.22 -29.30
N SER B 55 -6.65 13.53 -30.51
CA SER B 55 -6.11 12.87 -31.70
C SER B 55 -4.67 13.29 -32.00
N ARG B 56 -4.20 14.39 -31.42
CA ARG B 56 -2.86 14.90 -31.69
C ARG B 56 -1.96 14.82 -30.48
N LEU B 57 -2.31 13.99 -29.50
CA LEU B 57 -1.60 13.98 -28.22
C LEU B 57 -0.16 13.51 -28.34
N ALA B 58 0.24 12.92 -29.47
CA ALA B 58 1.63 12.55 -29.65
C ALA B 58 2.50 13.73 -30.08
N ALA B 59 1.90 14.78 -30.65
CA ALA B 59 2.65 15.95 -31.05
C ALA B 59 3.10 16.74 -29.83
N ALA B 60 4.31 17.31 -29.92
CA ALA B 60 4.92 17.97 -28.76
C ALA B 60 4.10 19.16 -28.29
N ASP B 61 3.55 19.94 -29.22
CA ASP B 61 2.78 21.12 -28.81
C ASP B 61 1.49 20.73 -28.10
N GLU B 62 0.86 19.62 -28.50
CA GLU B 62 -0.32 19.14 -27.80
C GLU B 62 0.04 18.54 -26.44
N ALA B 63 1.12 17.76 -26.38
CA ALA B 63 1.59 17.25 -25.10
C ALA B 63 1.88 18.38 -24.13
N SER B 64 2.46 19.48 -24.64
CA SER B 64 2.72 20.64 -23.80
C SER B 64 1.42 21.24 -23.27
N LYS B 65 0.38 21.26 -24.10
CA LYS B 65 -0.91 21.79 -23.65
C LYS B 65 -1.49 20.93 -22.53
N LEU B 66 -1.38 19.60 -22.66
CA LEU B 66 -1.91 18.71 -21.64
C LEU B 66 -1.17 18.92 -20.32
N ARG B 67 0.16 18.94 -20.37
CA ARG B 67 0.93 19.13 -19.14
C ARG B 67 0.59 20.45 -18.47
N SER B 68 0.50 21.53 -19.26
CA SER B 68 0.18 22.83 -18.68
C SER B 68 -1.22 22.82 -18.06
N ALA B 69 -2.18 22.20 -18.72
CA ALA B 69 -3.53 22.13 -18.17
C ALA B 69 -3.56 21.37 -16.84
N LEU B 70 -2.87 20.23 -16.78
CA LEU B 70 -2.88 19.44 -15.56
C LEU B 70 -2.15 20.15 -14.43
N GLU B 71 -1.07 20.87 -14.75
CA GLU B 71 -0.34 21.64 -13.74
C GLU B 71 -1.18 22.79 -13.21
N THR B 72 -1.88 23.49 -14.10
CA THR B 72 -2.59 24.70 -13.73
C THR B 72 -3.94 24.40 -13.09
N TRP B 73 -4.71 23.50 -13.69
CA TRP B 73 -6.10 23.29 -13.28
C TRP B 73 -6.40 21.88 -12.78
N GLY B 74 -5.60 20.89 -13.13
CA GLY B 74 -5.93 19.51 -12.80
C GLY B 74 -7.03 18.92 -13.65
N LEU B 75 -7.42 19.60 -14.73
CA LEU B 75 -8.48 19.13 -15.62
C LEU B 75 -8.27 19.77 -16.98
N PHE B 76 -8.98 19.26 -17.97
CA PHE B 76 -8.96 19.85 -19.30
C PHE B 76 -10.14 19.35 -20.11
N LEU B 77 -10.58 20.18 -21.05
CA LEU B 77 -11.54 19.73 -22.04
C LEU B 77 -10.81 18.96 -23.13
N VAL B 78 -11.46 17.93 -23.68
CA VAL B 78 -10.86 17.15 -24.76
C VAL B 78 -11.72 17.28 -26.00
N THR B 79 -11.07 17.56 -27.12
CA THR B 79 -11.66 17.54 -28.45
C THR B 79 -11.13 16.32 -29.19
N LYS B 80 -11.81 15.95 -30.27
CA LYS B 80 -11.38 14.88 -31.17
C LYS B 80 -11.06 13.61 -30.39
N HIS B 81 -11.98 13.24 -29.50
CA HIS B 81 -11.79 12.17 -28.54
C HIS B 81 -12.29 10.82 -29.04
N GLY B 82 -12.86 10.75 -30.24
CA GLY B 82 -13.29 9.51 -30.82
C GLY B 82 -14.69 9.06 -30.48
N ILE B 83 -15.43 9.82 -29.68
CA ILE B 83 -16.79 9.44 -29.30
C ILE B 83 -17.76 10.21 -30.17
N GLU B 84 -18.58 9.48 -30.93
CA GLU B 84 -19.52 10.11 -31.84
C GLU B 84 -20.51 10.98 -31.07
N ALA B 85 -20.77 12.17 -31.60
CA ALA B 85 -21.76 13.05 -31.00
C ALA B 85 -23.11 12.37 -30.88
N SER B 86 -23.45 11.48 -31.83
CA SER B 86 -24.73 10.79 -31.75
C SER B 86 -24.78 9.89 -30.53
N LEU B 87 -23.65 9.29 -30.15
CA LEU B 87 -23.63 8.44 -28.97
C LEU B 87 -23.67 9.25 -27.69
N MET B 88 -22.92 10.36 -27.64
CA MET B 88 -23.01 11.25 -26.48
C MET B 88 -24.43 11.77 -26.31
N ASP B 89 -25.05 12.23 -27.41
CA ASP B 89 -26.42 12.71 -27.32
C ASP B 89 -27.37 11.60 -26.89
N ASP B 90 -27.21 10.39 -27.45
CA ASP B 90 -28.14 9.30 -27.13
C ASP B 90 -28.01 8.85 -25.69
N VAL B 91 -26.79 8.80 -25.15
CA VAL B 91 -26.67 8.32 -23.78
C VAL B 91 -27.27 9.36 -22.81
N MET B 92 -27.12 10.64 -23.11
CA MET B 92 -27.73 11.64 -22.24
C MET B 92 -29.24 11.68 -22.43
N ALA B 93 -29.73 11.43 -23.65
CA ALA B 93 -31.18 11.35 -23.85
C ALA B 93 -31.76 10.17 -23.07
N ALA B 94 -31.05 9.04 -23.05
CA ALA B 94 -31.48 7.90 -22.25
C ALA B 94 -31.56 8.26 -20.78
N SER B 95 -30.59 9.03 -20.28
CA SER B 95 -30.64 9.49 -18.89
C SER B 95 -31.86 10.38 -18.65
N ARG B 96 -32.06 11.39 -19.50
CA ARG B 96 -33.20 12.28 -19.35
C ARG B 96 -34.51 11.51 -19.40
N ASP B 97 -34.61 10.54 -20.31
CA ASP B 97 -35.82 9.71 -20.38
C ASP B 97 -36.07 8.98 -19.06
N PHE B 98 -35.00 8.44 -18.45
CA PHE B 98 -35.16 7.78 -17.16
C PHE B 98 -35.63 8.75 -16.08
N PHE B 99 -34.98 9.92 -15.95
CA PHE B 99 -35.31 10.80 -14.85
C PHE B 99 -36.69 11.41 -14.99
N TYR B 100 -37.20 11.50 -16.21
CA TYR B 100 -38.56 12.02 -16.45
C TYR B 100 -39.65 11.01 -16.09
N GLN B 101 -39.30 9.75 -15.84
CA GLN B 101 -40.29 8.75 -15.50
C GLN B 101 -40.87 9.02 -14.11
N PRO B 102 -42.07 8.50 -13.83
CA PRO B 102 -42.66 8.71 -12.50
C PRO B 102 -41.78 8.13 -11.41
N LEU B 103 -41.91 8.71 -10.21
CA LEU B 103 -41.10 8.29 -9.08
C LEU B 103 -41.17 6.79 -8.86
N GLU B 104 -42.38 6.23 -8.90
CA GLU B 104 -42.56 4.79 -8.67
C GLU B 104 -41.74 3.96 -9.65
N ALA B 105 -41.65 4.40 -10.91
CA ALA B 105 -40.86 3.67 -11.90
C ALA B 105 -39.38 3.74 -11.59
N LYS B 106 -38.89 4.92 -11.21
CA LYS B 106 -37.47 5.06 -10.91
C LYS B 106 -37.08 4.31 -9.65
N GLN B 107 -37.99 4.23 -8.67
CA GLN B 107 -37.71 3.55 -7.41
C GLN B 107 -37.61 2.04 -7.55
N GLU B 108 -37.92 1.48 -8.71
CA GLU B 108 -37.64 0.07 -8.93
C GLU B 108 -36.15 -0.20 -9.03
N TYR B 109 -35.34 0.85 -9.10
CA TYR B 109 -33.88 0.74 -9.09
C TYR B 109 -33.29 1.45 -7.89
N SER B 110 -34.06 1.62 -6.82
CA SER B 110 -33.67 2.43 -5.68
C SER B 110 -32.41 1.90 -5.02
N ASN B 111 -31.54 2.81 -4.63
CA ASN B 111 -30.34 2.49 -3.86
C ASN B 111 -30.61 2.36 -2.37
N LEU B 112 -31.89 2.30 -1.95
CA LEU B 112 -32.27 2.14 -0.55
C LEU B 112 -32.74 0.71 -0.37
N ILE B 113 -31.90 -0.12 0.25
CA ILE B 113 -32.23 -1.53 0.50
C ILE B 113 -33.40 -1.59 1.46
N GLY B 114 -34.48 -2.23 1.03
CA GLY B 114 -35.70 -2.25 1.82
C GLY B 114 -36.30 -0.88 2.06
N GLY B 115 -35.97 0.10 1.22
CA GLY B 115 -36.42 1.46 1.42
C GLY B 115 -35.81 2.16 2.60
N LYS B 116 -34.72 1.63 3.17
CA LYS B 116 -34.20 2.15 4.42
C LYS B 116 -32.68 2.27 4.44
N ARG B 117 -32.00 1.29 3.87
CA ARG B 117 -30.54 1.18 4.03
C ARG B 117 -29.78 1.62 2.80
N PHE B 118 -29.02 2.70 2.93
CA PHE B 118 -28.28 3.23 1.79
C PHE B 118 -27.24 2.24 1.28
N GLN B 119 -27.14 2.14 -0.03
CA GLN B 119 -25.98 1.60 -0.73
C GLN B 119 -25.66 2.54 -1.88
N MET B 120 -24.46 2.37 -2.46
CA MET B 120 -24.04 3.30 -3.51
C MET B 120 -24.82 3.07 -4.81
N GLU B 121 -25.02 1.82 -5.20
CA GLU B 121 -25.54 1.54 -6.53
C GLU B 121 -27.06 1.71 -6.58
N GLY B 122 -27.55 2.41 -7.60
CA GLY B 122 -28.96 2.55 -7.86
C GLY B 122 -29.37 4.00 -7.93
N TYR B 123 -30.68 4.21 -7.96
CA TYR B 123 -31.27 5.53 -8.10
C TYR B 123 -31.63 6.08 -6.73
N GLY B 124 -31.21 7.30 -6.46
CA GLY B 124 -31.59 7.96 -5.23
C GLY B 124 -30.64 9.09 -4.92
N ASN B 125 -30.15 9.12 -3.68
CA ASN B 125 -29.34 10.22 -3.20
C ASN B 125 -28.12 9.66 -2.47
N ASP B 126 -27.14 10.53 -2.29
CA ASP B 126 -25.98 10.18 -1.47
C ASP B 126 -26.41 9.97 -0.02
N MET B 127 -25.55 9.29 0.72
CA MET B 127 -25.90 8.84 2.06
C MET B 127 -26.10 10.02 3.02
N VAL B 128 -27.19 9.96 3.79
CA VAL B 128 -27.45 10.92 4.85
C VAL B 128 -26.91 10.34 6.15
N LYS B 129 -25.87 10.98 6.70
CA LYS B 129 -25.18 10.45 7.86
C LYS B 129 -25.61 11.08 9.17
N SER B 130 -26.15 12.30 9.14
CA SER B 130 -26.56 12.98 10.35
C SER B 130 -27.81 13.81 10.06
N LYS B 131 -28.54 14.14 11.13
CA LYS B 131 -29.77 14.90 10.97
C LYS B 131 -29.49 16.33 10.53
N ASP B 132 -28.38 16.92 10.96
CA ASP B 132 -28.00 18.28 10.62
C ASP B 132 -27.24 18.39 9.31
N GLN B 133 -27.03 17.28 8.60
CA GLN B 133 -26.28 17.31 7.36
C GLN B 133 -27.05 18.11 6.31
N ILE B 134 -26.35 19.03 5.66
CA ILE B 134 -26.92 19.80 4.57
C ILE B 134 -26.83 18.99 3.30
N LEU B 135 -27.96 18.85 2.60
CA LEU B 135 -28.04 17.97 1.45
C LEU B 135 -27.83 18.74 0.16
N ASP B 136 -27.36 18.03 -0.86
CA ASP B 136 -27.14 18.65 -2.16
C ASP B 136 -28.44 18.65 -2.97
N TRP B 137 -28.55 19.62 -3.86
CA TRP B 137 -29.75 19.79 -4.70
C TRP B 137 -29.59 18.96 -5.98
N GLN B 138 -29.66 17.64 -5.80
CA GLN B 138 -29.50 16.73 -6.93
C GLN B 138 -30.00 15.34 -6.55
N ASP B 139 -30.30 14.56 -7.59
CA ASP B 139 -30.46 13.12 -7.49
C ASP B 139 -29.43 12.47 -8.42
N ARG B 140 -29.23 11.16 -8.26
CA ARG B 140 -28.29 10.50 -9.14
C ARG B 140 -28.62 9.02 -9.24
N LEU B 141 -28.29 8.47 -10.41
CA LEU B 141 -28.30 7.04 -10.69
C LEU B 141 -26.85 6.61 -10.84
N GLN B 142 -26.40 5.72 -9.96
CA GLN B 142 -25.00 5.32 -9.91
C GLN B 142 -24.90 3.82 -10.16
N LEU B 143 -24.08 3.43 -11.13
CA LEU B 143 -23.99 2.04 -11.59
C LEU B 143 -22.54 1.60 -11.69
N ARG B 144 -22.27 0.40 -11.19
CA ARG B 144 -20.94 -0.19 -11.37
C ARG B 144 -20.84 -0.76 -12.78
N VAL B 145 -19.87 -0.30 -13.56
CA VAL B 145 -19.70 -0.75 -14.93
C VAL B 145 -18.56 -1.75 -15.05
N GLU B 146 -17.46 -1.51 -14.34
CA GLU B 146 -16.33 -2.43 -14.33
C GLU B 146 -15.91 -2.72 -12.90
N PRO B 147 -15.40 -3.94 -12.64
CA PRO B 147 -15.27 -5.04 -13.60
C PRO B 147 -16.61 -5.63 -14.00
N GLN B 148 -16.70 -6.08 -15.25
CA GLN B 148 -17.97 -6.53 -15.82
C GLN B 148 -18.61 -7.65 -15.00
N ASP B 149 -17.81 -8.53 -14.40
CA ASP B 149 -18.38 -9.65 -13.65
C ASP B 149 -18.87 -9.23 -12.28
N GLU B 150 -18.77 -7.95 -11.91
CA GLU B 150 -19.32 -7.45 -10.67
C GLU B 150 -20.53 -6.54 -10.89
N ARG B 151 -20.93 -6.31 -12.15
CA ARG B 151 -22.13 -5.53 -12.40
C ARG B 151 -23.35 -6.25 -11.85
N ASN B 152 -24.33 -5.47 -11.40
CA ASN B 152 -25.62 -6.00 -10.96
C ASN B 152 -26.66 -5.37 -11.90
N LEU B 153 -26.97 -6.07 -12.98
CA LEU B 153 -27.85 -5.53 -14.02
C LEU B 153 -29.26 -5.27 -13.51
N ALA B 154 -29.61 -5.77 -12.32
CA ALA B 154 -30.93 -5.47 -11.77
C ALA B 154 -31.11 -3.97 -11.49
N TYR B 155 -30.01 -3.23 -11.34
CA TYR B 155 -30.09 -1.79 -11.11
C TYR B 155 -30.02 -0.97 -12.39
N TRP B 156 -29.82 -1.60 -13.54
CA TRP B 156 -29.71 -0.88 -14.80
C TRP B 156 -31.10 -0.67 -15.36
N PRO B 157 -31.52 0.57 -15.62
CA PRO B 157 -32.87 0.81 -16.12
C PRO B 157 -33.19 -0.01 -17.37
N LYS B 158 -34.40 -0.60 -17.37
CA LYS B 158 -34.88 -1.38 -18.50
C LYS B 158 -35.60 -0.52 -19.55
N HIS B 159 -35.94 0.71 -19.20
CA HIS B 159 -36.67 1.61 -20.09
C HIS B 159 -36.01 2.98 -20.04
N PRO B 160 -35.61 3.55 -21.19
CA PRO B 160 -35.73 3.02 -22.54
C PRO B 160 -34.88 1.76 -22.71
N ASP B 161 -35.34 0.81 -23.54
CA ASP B 161 -34.68 -0.49 -23.56
C ASP B 161 -33.27 -0.44 -24.14
N SER B 162 -32.86 0.68 -24.74
CA SER B 162 -31.49 0.81 -25.22
C SER B 162 -30.55 1.42 -24.18
N PHE B 163 -31.04 1.71 -22.97
CA PHE B 163 -30.20 2.33 -21.95
C PHE B 163 -28.93 1.53 -21.72
N ARG B 164 -29.08 0.23 -21.47
CA ARG B 164 -27.91 -0.61 -21.19
C ARG B 164 -26.92 -0.63 -22.34
N ASP B 165 -27.41 -0.87 -23.56
CA ASP B 165 -26.51 -0.90 -24.72
C ASP B 165 -25.78 0.42 -24.89
N LEU B 166 -26.47 1.54 -24.64
CA LEU B 166 -25.85 2.85 -24.78
C LEU B 166 -24.75 3.06 -23.75
N LEU B 167 -25.01 2.71 -22.48
CA LEU B 167 -24.00 2.91 -21.45
C LEU B 167 -22.81 2.01 -21.68
N GLU B 168 -23.06 0.74 -22.03
CA GLU B 168 -21.94 -0.16 -22.30
C GLU B 168 -21.07 0.37 -23.44
N LYS B 169 -21.70 0.81 -24.52
CA LYS B 169 -20.97 1.36 -25.66
C LYS B 169 -20.19 2.61 -25.27
N TYR B 170 -20.86 3.53 -24.57
CA TYR B 170 -20.22 4.76 -24.16
C TYR B 170 -19.04 4.51 -23.22
N ALA B 171 -19.24 3.64 -22.22
CA ALA B 171 -18.18 3.35 -21.25
C ALA B 171 -16.98 2.70 -21.92
N SER B 172 -17.23 1.82 -22.90
CA SER B 172 -16.10 1.25 -23.63
C SER B 172 -15.33 2.33 -24.37
N LYS B 173 -16.01 3.39 -24.80
CA LYS B 173 -15.34 4.50 -25.47
C LYS B 173 -14.60 5.38 -24.49
N THR B 174 -15.15 5.63 -23.30
CA THR B 174 -14.45 6.47 -22.34
C THR B 174 -13.25 5.76 -21.75
N LYS B 175 -13.27 4.42 -21.68
CA LYS B 175 -12.08 3.71 -21.20
C LYS B 175 -10.91 3.90 -22.14
N ILE B 176 -11.19 3.96 -23.45
CA ILE B 176 -10.14 4.26 -24.43
C ILE B 176 -9.61 5.67 -24.22
N VAL B 177 -10.50 6.63 -23.94
CA VAL B 177 -10.06 7.98 -23.63
C VAL B 177 -9.19 7.98 -22.38
N ARG B 178 -9.64 7.27 -21.34
CA ARG B 178 -8.84 7.12 -20.13
C ARG B 178 -7.43 6.66 -20.44
N ASN B 179 -7.31 5.62 -21.27
CA ASN B 179 -6.00 5.03 -21.51
C ASN B 179 -5.10 5.98 -22.29
N LYS B 180 -5.67 6.72 -23.24
CA LYS B 180 -4.87 7.68 -24.00
C LYS B 180 -4.35 8.79 -23.10
N VAL B 181 -5.17 9.27 -22.18
CA VAL B 181 -4.72 10.28 -21.23
C VAL B 181 -3.65 9.71 -20.30
N LEU B 182 -3.86 8.50 -19.80
CA LEU B 182 -2.91 7.92 -18.85
C LEU B 182 -1.55 7.68 -19.51
N ARG B 183 -1.55 7.26 -20.78
CA ARG B 183 -0.26 7.07 -21.46
C ARG B 183 0.48 8.38 -21.65
N ALA B 184 -0.25 9.44 -22.01
CA ALA B 184 0.39 10.74 -22.14
C ALA B 184 0.94 11.23 -20.80
N MET B 185 0.26 10.90 -19.70
CA MET B 185 0.73 11.32 -18.39
C MET B 185 1.98 10.55 -17.99
N GLY B 186 2.01 9.23 -18.24
CA GLY B 186 3.20 8.46 -17.94
C GLY B 186 4.40 8.91 -18.75
N LYS B 187 4.17 9.31 -20.00
CA LYS B 187 5.26 9.79 -20.86
C LYS B 187 5.82 11.12 -20.38
N THR B 188 4.94 12.09 -20.05
CA THR B 188 5.43 13.40 -19.64
C THR B 188 6.15 13.36 -18.30
N LEU B 189 5.79 12.40 -17.43
CA LEU B 189 6.47 12.25 -16.15
C LEU B 189 7.68 11.32 -16.26
N GLU B 190 7.96 10.80 -17.46
CA GLU B 190 9.08 9.89 -17.71
C GLU B 190 8.98 8.63 -16.85
N LEU B 191 7.77 8.11 -16.73
CA LEU B 191 7.52 6.88 -15.99
C LEU B 191 7.22 5.71 -16.91
N GLY B 192 7.14 5.92 -18.22
CA GLY B 192 6.71 4.91 -19.16
C GLY B 192 5.24 5.04 -19.47
N GLU B 193 4.85 4.84 -20.73
CA GLU B 193 3.45 5.04 -21.13
C GLU B 193 2.50 4.11 -20.37
N ASP B 194 2.95 2.92 -19.99
CA ASP B 194 2.04 1.97 -19.35
C ASP B 194 2.00 2.09 -17.82
N TYR B 195 2.70 3.07 -17.24
CA TYR B 195 2.88 3.08 -15.80
C TYR B 195 1.54 3.17 -15.06
N PHE B 196 0.71 4.15 -15.41
CA PHE B 196 -0.49 4.34 -14.61
C PHE B 196 -1.56 3.30 -14.92
N ILE B 197 -1.60 2.81 -16.16
CA ILE B 197 -2.54 1.74 -16.49
C ILE B 197 -2.20 0.49 -15.68
N SER B 198 -0.91 0.23 -15.47
CA SER B 198 -0.50 -0.93 -14.67
C SER B 198 -0.77 -0.71 -13.19
N GLN B 199 -0.52 0.50 -12.67
CA GLN B 199 -0.87 0.79 -11.28
C GLN B 199 -2.36 0.60 -11.04
N ILE B 200 -3.18 1.05 -11.98
CA ILE B 200 -4.63 0.97 -11.82
C ILE B 200 -5.08 -0.48 -11.79
N GLY B 201 -4.56 -1.31 -12.69
CA GLY B 201 -4.93 -2.71 -12.67
C GLY B 201 -6.14 -3.02 -13.55
N ASP B 202 -6.13 -4.23 -14.10
CA ASP B 202 -7.14 -4.61 -15.09
C ASP B 202 -8.53 -4.77 -14.50
N ARG B 203 -8.66 -4.97 -13.18
CA ARG B 203 -9.96 -5.13 -12.56
C ARG B 203 -10.35 -3.92 -11.70
N ALA B 204 -9.79 -2.76 -12.01
CA ALA B 204 -10.13 -1.56 -11.25
C ALA B 204 -11.57 -1.16 -11.53
N SER B 205 -12.16 -0.45 -10.56
CA SER B 205 -13.55 -0.04 -10.68
C SER B 205 -13.73 1.00 -11.78
N ALA B 206 -14.87 0.92 -12.47
CA ALA B 206 -15.36 1.99 -13.31
C ALA B 206 -16.82 2.16 -12.92
N ILE B 207 -17.18 3.37 -12.50
CA ILE B 207 -18.52 3.65 -12.01
C ILE B 207 -19.11 4.77 -12.84
N ALA B 208 -20.36 4.57 -13.31
CA ALA B 208 -21.10 5.59 -14.03
C ALA B 208 -22.02 6.33 -13.05
N ARG B 209 -21.94 7.66 -13.03
CA ARG B 209 -22.81 8.46 -12.16
C ARG B 209 -23.60 9.43 -13.03
N PHE B 210 -24.90 9.19 -13.17
CA PHE B 210 -25.81 10.10 -13.88
C PHE B 210 -26.37 11.09 -12.88
N ASN B 211 -25.96 12.36 -12.98
CA ASN B 211 -26.43 13.40 -12.06
C ASN B 211 -27.61 14.14 -12.66
N TYR B 212 -28.62 14.39 -11.83
CA TYR B 212 -29.79 15.17 -12.22
C TYR B 212 -29.93 16.31 -11.20
N TYR B 213 -29.77 17.54 -11.67
CA TYR B 213 -29.93 18.73 -10.83
C TYR B 213 -31.23 19.44 -11.21
N PRO B 214 -32.27 19.37 -10.39
CA PRO B 214 -33.51 20.13 -10.71
C PRO B 214 -33.25 21.61 -10.66
N PRO B 215 -34.11 22.43 -11.28
CA PRO B 215 -34.02 23.87 -11.04
C PRO B 215 -34.20 24.16 -9.56
N CYS B 216 -33.59 25.27 -9.11
CA CYS B 216 -33.66 25.70 -7.72
C CYS B 216 -34.10 27.16 -7.68
N PRO B 217 -35.12 27.51 -6.89
CA PRO B 217 -35.56 28.92 -6.85
C PRO B 217 -34.53 29.86 -6.24
N ARG B 218 -33.56 29.35 -5.48
CA ARG B 218 -32.55 30.18 -4.82
C ARG B 218 -31.19 29.52 -4.98
N PRO B 219 -30.58 29.62 -6.16
CA PRO B 219 -29.25 29.02 -6.36
C PRO B 219 -28.18 29.59 -5.44
N ASP B 220 -28.43 30.73 -4.79
CA ASP B 220 -27.42 31.27 -3.89
C ASP B 220 -27.35 30.55 -2.57
N LEU B 221 -28.35 29.72 -2.25
CA LEU B 221 -28.50 29.11 -0.93
C LEU B 221 -28.04 27.66 -0.85
N VAL B 222 -27.75 27.01 -1.98
CA VAL B 222 -27.56 25.56 -2.05
C VAL B 222 -26.39 25.23 -2.97
N PHE B 223 -25.96 23.96 -2.93
CA PHE B 223 -25.11 23.38 -3.96
C PHE B 223 -25.86 22.29 -4.70
N GLY B 224 -25.68 22.27 -6.02
CA GLY B 224 -26.08 21.11 -6.80
C GLY B 224 -25.30 19.87 -6.42
N ILE B 225 -23.97 19.99 -6.41
CA ILE B 225 -23.10 19.03 -5.73
C ILE B 225 -22.05 19.85 -4.98
N LYS B 226 -21.84 19.51 -3.71
CA LYS B 226 -20.96 20.29 -2.85
C LYS B 226 -19.51 20.22 -3.32
N PRO B 227 -18.69 21.19 -2.92
CA PRO B 227 -17.26 21.14 -3.25
C PRO B 227 -16.65 19.82 -2.81
N HIS B 228 -15.90 19.22 -3.73
CA HIS B 228 -15.26 17.94 -3.47
C HIS B 228 -14.18 17.74 -4.52
N SER B 229 -13.25 16.83 -4.22
CA SER B 229 -12.44 16.22 -5.26
C SER B 229 -12.86 14.76 -5.40
N ASP B 230 -12.71 14.21 -6.62
CA ASP B 230 -13.03 12.82 -6.86
C ASP B 230 -11.93 11.93 -6.30
N GLY B 231 -12.29 10.77 -5.74
CA GLY B 231 -11.30 9.99 -4.98
C GLY B 231 -10.43 9.06 -5.81
N GLY B 232 -10.83 8.76 -7.04
CA GLY B 232 -10.17 7.76 -7.86
C GLY B 232 -8.98 8.30 -8.64
N ALA B 233 -8.72 7.69 -9.79
CA ALA B 233 -7.58 8.08 -10.62
C ALA B 233 -7.93 9.18 -11.62
N VAL B 234 -8.97 8.97 -12.42
CA VAL B 234 -9.32 9.93 -13.45
C VAL B 234 -10.83 9.86 -13.66
N THR B 235 -11.42 11.02 -13.93
CA THR B 235 -12.85 11.10 -14.21
C THR B 235 -13.03 11.64 -15.62
N ILE B 236 -13.99 11.07 -16.35
CA ILE B 236 -14.35 11.57 -17.67
C ILE B 236 -15.81 12.00 -17.58
N LEU B 237 -16.06 13.28 -17.82
CA LEU B 237 -17.36 13.90 -17.56
C LEU B 237 -17.99 14.41 -18.85
N LEU B 238 -19.29 14.13 -18.99
CA LEU B 238 -20.11 14.61 -20.10
C LEU B 238 -21.26 15.43 -19.52
N VAL B 239 -21.44 16.65 -20.01
CA VAL B 239 -22.52 17.54 -19.57
C VAL B 239 -23.50 17.69 -20.71
N ASP B 240 -24.77 17.34 -20.48
CA ASP B 240 -25.75 17.39 -21.56
C ASP B 240 -26.01 18.83 -21.97
N LYS B 241 -25.87 19.09 -23.26
CA LYS B 241 -26.13 20.40 -23.89
C LYS B 241 -25.31 21.50 -23.23
N ASP B 242 -24.22 21.12 -22.60
CA ASP B 242 -23.25 22.08 -22.08
C ASP B 242 -23.89 23.08 -21.10
N VAL B 243 -24.94 22.65 -20.40
CA VAL B 243 -25.61 23.53 -19.44
C VAL B 243 -24.63 23.89 -18.32
N GLY B 244 -24.58 25.18 -18.00
CA GLY B 244 -23.61 25.66 -17.03
C GLY B 244 -23.94 25.24 -15.61
N GLY B 245 -22.88 25.22 -14.79
CA GLY B 245 -23.03 24.89 -13.38
C GLY B 245 -21.74 24.40 -12.77
N LEU B 246 -20.91 23.72 -13.56
CA LEU B 246 -19.66 23.18 -13.03
C LEU B 246 -18.64 24.29 -12.82
N GLN B 247 -17.99 24.27 -11.64
CA GLN B 247 -16.98 25.26 -11.28
C GLN B 247 -15.81 24.53 -10.63
N VAL B 248 -14.62 25.12 -10.73
CA VAL B 248 -13.41 24.51 -10.20
C VAL B 248 -12.68 25.53 -9.34
N GLN B 249 -12.03 25.05 -8.29
CA GLN B 249 -11.33 25.91 -7.33
C GLN B 249 -9.85 25.95 -7.67
N LYS B 250 -9.26 27.14 -7.67
CA LYS B 250 -7.81 27.27 -7.79
C LYS B 250 -7.36 28.42 -6.89
N ASP B 251 -6.46 28.11 -5.96
CA ASP B 251 -5.91 29.10 -5.03
C ASP B 251 -7.03 29.87 -4.33
N GLY B 252 -8.02 29.13 -3.87
CA GLY B 252 -9.13 29.69 -3.12
C GLY B 252 -10.17 30.45 -3.92
N VAL B 253 -10.03 30.52 -5.25
CA VAL B 253 -10.99 31.23 -6.11
C VAL B 253 -11.76 30.19 -6.91
N TRP B 254 -13.05 30.42 -7.08
CA TRP B 254 -13.92 29.55 -7.85
C TRP B 254 -14.05 30.08 -9.27
N TYR B 255 -13.86 29.20 -10.25
CA TYR B 255 -13.87 29.55 -11.67
C TYR B 255 -14.92 28.73 -12.41
N THR B 256 -15.65 29.38 -13.31
CA THR B 256 -16.55 28.67 -14.20
C THR B 256 -15.76 27.78 -15.16
N VAL B 257 -16.11 26.50 -15.21
CA VAL B 257 -15.51 25.60 -16.19
C VAL B 257 -16.24 25.83 -17.50
N PRO B 258 -15.57 26.34 -18.53
CA PRO B 258 -16.24 26.65 -19.77
C PRO B 258 -16.65 25.39 -20.51
N SER B 259 -17.53 25.57 -21.48
CA SER B 259 -18.04 24.48 -22.29
C SER B 259 -17.61 24.67 -23.73
N MET B 260 -17.59 23.54 -24.45
CA MET B 260 -17.33 23.52 -25.87
C MET B 260 -18.25 22.40 -26.36
N PRO B 261 -18.99 22.62 -27.44
CA PRO B 261 -19.91 21.59 -27.92
C PRO B 261 -19.16 20.30 -28.27
N HIS B 262 -19.75 19.18 -27.86
CA HIS B 262 -19.29 17.83 -28.21
C HIS B 262 -17.96 17.47 -27.57
N THR B 263 -17.57 18.16 -26.51
CA THR B 263 -16.33 17.83 -25.80
C THR B 263 -16.62 17.04 -24.53
N LEU B 264 -15.57 16.43 -24.00
CA LEU B 264 -15.62 15.82 -22.67
C LEU B 264 -14.69 16.59 -21.75
N LEU B 265 -14.90 16.44 -20.47
CA LEU B 265 -14.01 17.00 -19.47
C LEU B 265 -13.28 15.86 -18.77
N VAL B 266 -11.96 15.98 -18.65
CA VAL B 266 -11.14 15.01 -17.94
C VAL B 266 -10.61 15.71 -16.71
N ASN B 267 -10.81 15.11 -15.53
CA ASN B 267 -10.18 15.65 -14.33
C ASN B 267 -9.49 14.52 -13.58
N LEU B 268 -8.43 14.88 -12.87
CA LEU B 268 -7.71 13.89 -12.07
C LEU B 268 -8.43 13.68 -10.74
N GLY B 269 -8.20 12.52 -10.15
CA GLY B 269 -8.70 12.22 -8.83
C GLY B 269 -7.58 12.11 -7.80
N ASP B 270 -7.99 11.95 -6.53
CA ASP B 270 -7.04 12.00 -5.42
C ASP B 270 -6.03 10.87 -5.51
N SER B 271 -6.46 9.70 -5.98
CA SER B 271 -5.51 8.59 -6.07
C SER B 271 -4.39 8.90 -7.04
N MET B 272 -4.69 9.61 -8.13
CA MET B 272 -3.64 10.03 -9.06
C MET B 272 -2.73 11.07 -8.44
N GLU B 273 -3.29 12.00 -7.67
CA GLU B 273 -2.45 12.98 -6.97
C GLU B 273 -1.38 12.29 -6.13
N ILE B 274 -1.74 11.22 -5.42
CA ILE B 274 -0.75 10.48 -4.64
C ILE B 274 0.25 9.78 -5.54
N MET B 275 -0.24 9.07 -6.57
CA MET B 275 0.64 8.28 -7.42
C MET B 275 1.68 9.14 -8.13
N ASN B 276 1.34 10.37 -8.52
CA ASN B 276 2.29 11.21 -9.22
C ASN B 276 2.94 12.24 -8.30
N ASN B 277 2.93 11.99 -7.00
CA ASN B 277 3.65 12.80 -6.00
C ASN B 277 3.22 14.28 -6.04
N GLY B 278 1.98 14.54 -6.43
CA GLY B 278 1.48 15.91 -6.41
C GLY B 278 2.00 16.79 -7.52
N ILE B 279 2.70 16.25 -8.51
CA ILE B 279 3.13 17.07 -9.64
C ILE B 279 1.91 17.65 -10.33
N PHE B 280 0.90 16.83 -10.56
CA PHE B 280 -0.45 17.26 -10.89
C PHE B 280 -1.36 16.96 -9.71
N LYS B 281 -2.33 17.82 -9.46
CA LYS B 281 -3.19 17.64 -8.30
C LYS B 281 -4.65 17.43 -8.72
N SER B 282 -5.40 16.86 -7.80
CA SER B 282 -6.81 16.56 -8.00
C SER B 282 -7.64 17.80 -7.73
N PRO B 283 -8.42 18.29 -8.70
CA PRO B 283 -9.10 19.57 -8.52
C PRO B 283 -10.38 19.45 -7.69
N VAL B 284 -10.54 20.39 -6.76
CA VAL B 284 -11.80 20.56 -6.03
C VAL B 284 -12.78 21.25 -6.95
N HIS B 285 -13.97 20.67 -7.09
CA HIS B 285 -14.97 21.22 -7.99
C HIS B 285 -16.35 21.13 -7.34
N ARG B 286 -17.32 21.84 -7.93
CA ARG B 286 -18.69 21.87 -7.42
C ARG B 286 -19.62 22.22 -8.56
N VAL B 287 -20.92 22.06 -8.32
CA VAL B 287 -21.94 22.46 -9.29
C VAL B 287 -22.93 23.38 -8.59
N VAL B 288 -23.18 24.53 -9.19
CA VAL B 288 -24.24 25.43 -8.74
C VAL B 288 -25.47 25.19 -9.58
N THR B 289 -26.63 25.29 -8.95
CA THR B 289 -27.92 25.14 -9.61
C THR B 289 -28.28 26.44 -10.33
N ASN B 290 -29.40 26.41 -11.03
CA ASN B 290 -29.94 27.63 -11.63
C ASN B 290 -31.46 27.60 -11.50
N ALA B 291 -32.07 28.77 -11.68
CA ALA B 291 -33.50 28.90 -11.43
C ALA B 291 -34.36 28.45 -12.60
N GLU B 292 -33.79 28.33 -13.80
CA GLU B 292 -34.53 28.17 -15.04
C GLU B 292 -34.69 26.73 -15.49
N LYS B 293 -33.67 25.89 -15.34
CA LYS B 293 -33.80 24.58 -15.96
C LYS B 293 -32.96 23.55 -15.22
N GLU B 294 -33.36 22.30 -15.39
CA GLU B 294 -32.60 21.15 -14.92
C GLU B 294 -31.27 21.06 -15.65
N ARG B 295 -30.33 20.36 -15.02
CA ARG B 295 -29.01 20.08 -15.58
C ARG B 295 -28.72 18.61 -15.39
N LEU B 296 -28.15 17.98 -16.43
CA LEU B 296 -27.79 16.55 -16.40
C LEU B 296 -26.33 16.37 -16.78
N SER B 297 -25.64 15.48 -16.06
CA SER B 297 -24.30 15.09 -16.43
C SER B 297 -24.11 13.60 -16.19
N LEU B 298 -23.05 13.06 -16.81
CA LEU B 298 -22.67 11.68 -16.62
C LEU B 298 -21.18 11.67 -16.33
N ALA B 299 -20.81 11.23 -15.15
CA ALA B 299 -19.41 11.11 -14.76
C ALA B 299 -19.01 9.65 -14.82
N MET B 300 -17.90 9.36 -15.50
CA MET B 300 -17.31 8.02 -15.49
C MET B 300 -16.10 8.09 -14.57
N PHE B 301 -16.20 7.44 -13.41
CA PHE B 301 -15.14 7.44 -12.40
C PHE B 301 -14.28 6.20 -12.59
N TYR B 302 -12.99 6.40 -12.85
CA TYR B 302 -12.04 5.30 -12.97
C TYR B 302 -11.19 5.26 -11.71
N GLY B 303 -11.30 4.17 -10.96
CA GLY B 303 -10.58 4.01 -9.71
C GLY B 303 -9.35 3.13 -9.87
N VAL B 304 -8.76 2.83 -8.73
CA VAL B 304 -7.58 1.96 -8.63
C VAL B 304 -8.02 0.67 -7.94
N GLU B 305 -7.47 -0.46 -8.39
CA GLU B 305 -7.74 -1.72 -7.68
C GLU B 305 -7.48 -1.54 -6.20
N GLY B 306 -8.37 -2.12 -5.38
CA GLY B 306 -8.41 -1.75 -3.97
C GLY B 306 -7.17 -2.11 -3.18
N GLN B 307 -6.61 -3.22 -3.56
CA GLN B 307 -5.36 -3.62 -2.86
CA GLN B 307 -5.35 -3.66 -2.89
C GLN B 307 -3.99 -2.97 -3.27
N ARG B 308 -4.09 -2.15 -4.32
CA ARG B 308 -2.87 -1.46 -4.75
C ARG B 308 -2.45 -0.42 -3.71
N VAL B 309 -1.16 -0.38 -3.42
CA VAL B 309 -0.64 0.66 -2.54
C VAL B 309 -0.50 1.93 -3.36
N LEU B 310 -1.26 2.97 -3.00
CA LEU B 310 -1.05 4.30 -3.57
C LEU B 310 0.17 4.92 -2.93
N GLU B 311 1.15 5.31 -3.75
CA GLU B 311 2.35 5.95 -3.24
C GLU B 311 3.02 6.71 -4.38
N PRO B 312 3.85 7.70 -4.07
CA PRO B 312 4.60 8.38 -5.14
C PRO B 312 5.40 7.38 -5.96
N ALA B 313 5.28 7.49 -7.29
CA ALA B 313 6.01 6.59 -8.18
C ALA B 313 7.52 6.64 -7.91
N LEU B 314 8.15 5.47 -7.93
CA LEU B 314 9.57 5.38 -7.65
C LEU B 314 10.39 6.24 -8.61
N GLY B 315 9.96 6.34 -9.87
CA GLY B 315 10.65 7.16 -10.83
C GLY B 315 10.63 8.63 -10.53
N LEU B 316 9.69 9.08 -9.69
CA LEU B 316 9.65 10.48 -9.29
C LEU B 316 10.48 10.75 -8.06
N LEU B 317 11.09 9.71 -7.48
CA LEU B 317 11.84 9.84 -6.24
C LEU B 317 13.33 9.61 -6.46
N GLY B 318 13.77 9.51 -7.72
CA GLY B 318 15.19 9.40 -7.98
C GLY B 318 15.93 10.66 -7.57
N GLU B 319 17.25 10.51 -7.40
CA GLU B 319 18.12 11.64 -7.06
C GLU B 319 17.69 12.32 -5.76
N GLU B 320 17.15 11.54 -4.82
CA GLU B 320 16.75 11.99 -3.49
C GLU B 320 15.61 13.02 -3.50
N ARG B 321 14.82 13.05 -4.57
CA ARG B 321 13.65 13.91 -4.58
C ARG B 321 12.67 13.48 -3.49
N PRO B 322 12.08 14.41 -2.75
CA PRO B 322 11.28 14.03 -1.59
C PRO B 322 9.89 13.51 -1.97
N ALA B 323 9.46 12.46 -1.27
CA ALA B 323 8.06 12.06 -1.33
C ALA B 323 7.22 13.13 -0.66
N ARG B 324 6.07 13.44 -1.27
CA ARG B 324 5.17 14.45 -0.73
C ARG B 324 3.88 13.86 -0.17
N TYR B 325 3.71 12.55 -0.29
CA TYR B 325 2.51 11.86 0.19
C TYR B 325 2.92 10.56 0.86
N ARG B 326 2.22 10.21 1.94
CA ARG B 326 2.36 8.92 2.59
C ARG B 326 1.64 7.85 1.78
N LYS B 327 2.07 6.59 1.95
CA LYS B 327 1.49 5.48 1.23
C LYS B 327 0.24 4.94 1.92
N ILE B 328 -0.69 4.43 1.13
CA ILE B 328 -1.97 3.95 1.62
C ILE B 328 -2.59 3.03 0.56
N MET B 329 -3.14 1.90 1.00
CA MET B 329 -3.87 1.05 0.06
C MET B 329 -5.08 1.80 -0.48
N ALA B 330 -5.38 1.56 -1.76
CA ALA B 330 -6.43 2.33 -2.43
C ALA B 330 -7.78 2.18 -1.74
N SER B 331 -8.13 0.96 -1.31
CA SER B 331 -9.41 0.79 -0.64
C SER B 331 -9.45 1.52 0.69
N ASP B 332 -8.30 1.63 1.37
CA ASP B 332 -8.22 2.41 2.60
C ASP B 332 -8.35 3.89 2.33
N TYR B 333 -7.89 4.37 1.17
CA TYR B 333 -8.04 5.78 0.87
C TYR B 333 -9.51 6.13 0.72
N ILE B 334 -10.23 5.30 -0.02
CA ILE B 334 -11.66 5.56 -0.21
C ILE B 334 -12.39 5.52 1.13
N ILE B 335 -11.96 4.65 2.04
CA ILE B 335 -12.56 4.58 3.38
C ILE B 335 -12.34 5.89 4.13
N GLY B 336 -11.09 6.37 4.17
CA GLY B 336 -10.81 7.63 4.83
C GLY B 336 -11.55 8.79 4.19
N LEU B 337 -11.72 8.75 2.88
CA LEU B 337 -12.44 9.81 2.18
C LEU B 337 -13.88 9.90 2.65
N ARG B 338 -14.49 8.75 2.95
CA ARG B 338 -15.88 8.73 3.36
C ARG B 338 -16.09 9.22 4.79
N GLN B 339 -15.07 9.12 5.64
CA GLN B 339 -15.21 9.63 7.00
C GLN B 339 -15.16 11.15 7.02
N GLY B 340 -15.72 11.71 8.08
CA GLY B 340 -15.74 13.16 8.27
C GLY B 340 -14.53 13.65 9.06
N GLY B 344 -13.84 19.63 8.24
CA GLY B 344 -13.79 20.36 6.99
C GLY B 344 -12.46 20.30 6.26
N GLN B 345 -11.56 19.43 6.73
CA GLN B 345 -10.27 19.23 6.09
C GLN B 345 -10.32 17.97 5.23
N ARG B 346 -9.86 18.08 3.99
CA ARG B 346 -9.92 16.97 3.06
C ARG B 346 -8.98 15.85 3.52
N PHE B 347 -9.39 14.61 3.26
CA PHE B 347 -8.63 13.46 3.77
C PHE B 347 -7.22 13.41 3.19
N ILE B 348 -7.03 13.86 1.95
CA ILE B 348 -5.70 13.80 1.37
C ILE B 348 -4.72 14.69 2.12
N GLU B 349 -5.22 15.71 2.81
CA GLU B 349 -4.33 16.59 3.59
C GLU B 349 -3.62 15.83 4.70
N THR B 350 -4.25 14.77 5.23
CA THR B 350 -3.64 14.00 6.30
C THR B 350 -2.49 13.13 5.80
N LEU B 351 -2.37 12.95 4.48
CA LEU B 351 -1.30 12.17 3.88
C LEU B 351 -0.14 13.02 3.39
N LYS B 352 -0.24 14.35 3.46
CA LYS B 352 0.81 15.17 2.89
C LYS B 352 2.01 15.25 3.83
N ILE B 353 3.20 15.21 3.23
CA ILE B 353 4.46 15.42 3.95
C ILE B 353 5.39 16.30 3.11
#